data_3LJ7
#
_entry.id   3LJ7
#
_cell.length_a   102.733
_cell.length_b   105.075
_cell.length_c   147.802
_cell.angle_alpha   90.00
_cell.angle_beta   90.00
_cell.angle_gamma   90.00
#
_symmetry.space_group_name_H-M   'P 21 21 21'
#
loop_
_entity.id
_entity.type
_entity.pdbx_description
1 polymer 'Fatty-acid amide hydrolase 1'
2 non-polymer 'CYCLOHEXANE AMINOCARBOXYLIC ACID'
3 non-polymer 'CHLORIDE ION'
4 water water
#
_entity_poly.entity_id   1
_entity_poly.type   'polypeptide(L)'
_entity_poly.pdbx_seq_one_letter_code
;MGSSHHHHHHSSGLVPRGSHMASRWTGRQKARGAATRARQKQRASLETMDKAVQRFRLQNPDLDSEALLTLPLLQLVQKL
QSGELSPEAVFFTYLGKAWEVNKGTNCVTSYLTDCETQLSQAPRQGLLYGVPVSLKECFSYKGHDSTLGLSLNEGMPSES
DCVVVQVLKLQGAVPFVHTNVPQSMFSYDCSNPLFGQTMNPWKSSKSPGGSSGGEGALIGSGGSPLGLGTDIGGSIRFPS
AFCGICGLKPTGNRLSKSGLKGCVYGQTAVQLSLGPMARDVESLALCLKALLCEHLFTLDPTVPPLPFREEVYRSSRPLR
VGYYETDNYTMPSPAMRRALIETKQRLEAAGHTLIPFLPNNIPYALEVLSTGGLFSDGGRSFLQNFKGDFVDPCLGDLIL
ILRLPSWFKRLLSLLLKPLFPRLAAFLNNMRPRSAEKLWKLQHEIEMYRQSVIAQWKAMNLDVLLTPMLGPALDLNTPGR
ATGAVSYTMLYNCLDFPAGVVPVTTVTAEDDAQMELYKGYFGDIWDIILKKAMKNSVGLPVAVQCVALPWQEELCLRFMR
EVEQLMTPQKQPS
;
_entity_poly.pdbx_strand_id   A,B
#
loop_
_chem_comp.id
_chem_comp.type
_chem_comp.name
_chem_comp.formula
CL non-polymer 'CHLORIDE ION' 'Cl -1'
OHO non-polymer 'CYCLOHEXANE AMINOCARBOXYLIC ACID' 'C7 H13 N O2'
#
# COMPACT_ATOMS: atom_id res chain seq x y z
N GLY A 27 -30.59 16.75 -22.44
CA GLY A 27 -31.10 15.34 -22.31
C GLY A 27 -31.16 14.87 -20.85
N ARG A 28 -31.92 15.59 -20.03
CA ARG A 28 -31.83 15.50 -18.55
C ARG A 28 -33.08 14.97 -17.82
N GLN A 29 -34.14 14.59 -18.55
CA GLN A 29 -35.40 14.18 -17.91
C GLN A 29 -35.22 12.97 -16.99
N LYS A 30 -34.39 12.02 -17.40
CA LYS A 30 -34.09 10.88 -16.56
C LYS A 30 -33.51 11.33 -15.21
N ALA A 31 -32.63 12.32 -15.24
CA ALA A 31 -32.02 12.88 -14.04
C ALA A 31 -33.04 13.66 -13.18
N ARG A 32 -34.07 14.24 -13.82
CA ARG A 32 -35.17 14.87 -13.08
C ARG A 32 -35.96 13.82 -12.32
N GLY A 33 -36.13 12.65 -12.93
CA GLY A 33 -36.80 11.51 -12.28
C GLY A 33 -36.00 11.01 -11.08
N ALA A 34 -34.69 10.85 -11.25
CA ALA A 34 -33.82 10.52 -10.11
C ALA A 34 -34.02 11.48 -8.95
N ALA A 35 -34.04 12.79 -9.25
CA ALA A 35 -34.19 13.83 -8.19
C ALA A 35 -35.51 13.71 -7.44
N THR A 36 -36.58 13.51 -8.20
CA THR A 36 -37.89 13.29 -7.64
C THR A 36 -37.95 12.07 -6.74
N ARG A 37 -37.34 10.95 -7.19
CA ARG A 37 -37.35 9.74 -6.40
C ARG A 37 -36.48 9.89 -5.15
N ALA A 38 -35.26 10.41 -5.32
CA ALA A 38 -34.37 10.63 -4.18
C ALA A 38 -35.01 11.50 -3.09
N ARG A 39 -35.61 12.62 -3.48
CA ARG A 39 -36.24 13.51 -2.51
C ARG A 39 -37.44 12.88 -1.78
N GLN A 40 -38.15 11.97 -2.46
CA GLN A 40 -39.27 11.21 -1.89
C GLN A 40 -38.78 10.25 -0.79
N LYS A 41 -37.66 9.58 -1.06
CA LYS A 41 -37.06 8.65 -0.10
C LYS A 41 -36.51 9.41 1.10
N GLN A 42 -35.90 10.57 0.86
CA GLN A 42 -35.39 11.43 1.93
C GLN A 42 -36.56 11.92 2.78
N ARG A 43 -37.62 12.36 2.13
CA ARG A 43 -38.79 12.84 2.81
C ARG A 43 -39.45 11.76 3.68
N ALA A 44 -39.66 10.57 3.10
CA ALA A 44 -40.23 9.41 3.81
C ALA A 44 -39.33 8.95 4.98
N SER A 45 -38.02 9.03 4.79
CA SER A 45 -37.05 8.70 5.85
C SER A 45 -37.23 9.61 7.03
N LEU A 46 -37.26 10.91 6.75
CA LEU A 46 -37.49 11.92 7.78
C LEU A 46 -38.81 11.68 8.53
N GLU A 47 -39.87 11.35 7.80
CA GLU A 47 -41.17 11.12 8.42
C GLU A 47 -41.15 9.88 9.30
N THR A 48 -40.46 8.84 8.82
CA THR A 48 -40.32 7.60 9.56
C THR A 48 -39.58 7.88 10.85
N MET A 49 -38.57 8.73 10.77
CA MET A 49 -37.78 9.09 11.94
C MET A 49 -38.63 9.79 12.98
N ASP A 50 -39.37 10.79 12.53
CA ASP A 50 -40.22 11.60 13.39
C ASP A 50 -41.28 10.77 14.06
N LYS A 51 -41.89 9.85 13.32
CA LYS A 51 -42.95 9.01 13.91
C LYS A 51 -42.38 8.15 15.04
N ALA A 52 -41.15 7.65 14.86
CA ALA A 52 -40.51 6.82 15.90
C ALA A 52 -40.12 7.69 17.11
N VAL A 53 -39.64 8.89 16.85
CA VAL A 53 -39.29 9.84 17.91
C VAL A 53 -40.52 10.25 18.72
N GLN A 54 -41.61 10.55 18.03
CA GLN A 54 -42.83 10.96 18.71
C GLN A 54 -43.39 9.83 19.59
N ARG A 55 -43.39 8.59 19.08
CA ARG A 55 -43.82 7.42 19.87
C ARG A 55 -42.95 7.25 21.11
N PHE A 56 -41.63 7.28 20.93
CA PHE A 56 -40.70 7.09 22.03
C PHE A 56 -40.87 8.12 23.16
N ARG A 57 -41.00 9.40 22.78
CA ARG A 57 -41.16 10.50 23.74
C ARG A 57 -42.41 10.39 24.61
N LEU A 58 -43.51 9.93 24.01
CA LEU A 58 -44.78 9.70 24.72
C LEU A 58 -44.64 8.65 25.82
N GLN A 59 -43.81 7.63 25.57
CA GLN A 59 -43.59 6.54 26.52
C GLN A 59 -42.48 6.87 27.52
N ASN A 60 -41.72 7.93 27.24
CA ASN A 60 -40.63 8.37 28.10
C ASN A 60 -40.65 9.89 28.31
N PRO A 61 -41.76 10.43 28.83
CA PRO A 61 -41.88 11.89 28.95
C PRO A 61 -40.87 12.57 29.91
N ASP A 62 -40.32 11.84 30.87
CA ASP A 62 -39.46 12.43 31.92
C ASP A 62 -37.94 12.26 31.70
N LEU A 63 -37.54 11.71 30.55
CA LEU A 63 -36.12 11.53 30.24
C LEU A 63 -35.44 12.89 30.06
N ASP A 64 -34.31 13.11 30.73
CA ASP A 64 -33.57 14.37 30.58
C ASP A 64 -32.71 14.31 29.32
N SER A 65 -33.35 14.67 28.20
CA SER A 65 -32.75 14.54 26.89
C SER A 65 -31.60 15.51 26.64
N GLU A 66 -31.61 16.66 27.30
CA GLU A 66 -30.56 17.67 27.09
C GLU A 66 -29.25 17.15 27.69
N ALA A 67 -29.32 16.66 28.93
CA ALA A 67 -28.17 16.11 29.63
C ALA A 67 -27.55 14.91 28.91
N LEU A 68 -28.40 14.09 28.28
CA LEU A 68 -27.94 12.92 27.52
C LEU A 68 -27.19 13.38 26.27
N LEU A 69 -27.79 14.32 25.55
CA LEU A 69 -27.22 14.84 24.30
C LEU A 69 -25.89 15.58 24.48
N THR A 70 -25.70 16.23 25.62
CA THR A 70 -24.45 16.96 25.85
C THR A 70 -23.37 16.15 26.59
N LEU A 71 -23.68 14.92 26.99
CA LEU A 71 -22.66 14.03 27.53
C LEU A 71 -21.60 13.80 26.45
N PRO A 72 -20.31 13.94 26.80
CA PRO A 72 -19.27 13.49 25.88
C PRO A 72 -19.39 12.00 25.54
N LEU A 73 -18.91 11.62 24.36
CA LEU A 73 -19.01 10.22 23.91
C LEU A 73 -18.44 9.23 24.93
N LEU A 74 -17.33 9.58 25.56
CA LEU A 74 -16.67 8.67 26.47
C LEU A 74 -17.56 8.37 27.68
N GLN A 75 -18.24 9.40 28.21
CA GLN A 75 -19.16 9.18 29.33
C GLN A 75 -20.46 8.47 28.88
N LEU A 76 -20.94 8.81 27.68
CA LEU A 76 -22.11 8.17 27.08
C LEU A 76 -21.90 6.68 26.93
N VAL A 77 -20.73 6.31 26.40
CA VAL A 77 -20.36 4.92 26.21
C VAL A 77 -20.36 4.19 27.54
N GLN A 78 -19.73 4.80 28.54
CA GLN A 78 -19.65 4.21 29.88
C GLN A 78 -21.05 3.96 30.47
N LYS A 79 -21.97 4.91 30.31
CA LYS A 79 -23.32 4.76 30.86
C LYS A 79 -24.11 3.66 30.13
N LEU A 80 -23.86 3.49 28.83
CA LEU A 80 -24.47 2.38 28.08
C LEU A 80 -23.90 1.04 28.54
N GLN A 81 -22.62 1.03 28.88
CA GLN A 81 -21.93 -0.19 29.28
C GLN A 81 -22.36 -0.61 30.68
N SER A 82 -22.58 0.36 31.56
CA SER A 82 -23.04 0.07 32.92
C SER A 82 -24.54 -0.25 33.01
N GLY A 83 -25.34 0.23 32.05
CA GLY A 83 -26.80 0.04 32.07
C GLY A 83 -27.57 1.27 32.54
N GLU A 84 -26.84 2.29 32.98
CA GLU A 84 -27.41 3.58 33.38
C GLU A 84 -28.29 4.22 32.30
N LEU A 85 -27.91 4.07 31.04
CA LEU A 85 -28.73 4.53 29.93
C LEU A 85 -29.02 3.37 29.00
N SER A 86 -30.27 3.28 28.55
CA SER A 86 -30.66 2.25 27.61
C SER A 86 -30.21 2.65 26.20
N PRO A 87 -29.87 1.65 25.36
CA PRO A 87 -29.56 1.95 23.96
C PRO A 87 -30.73 2.70 23.30
N GLU A 88 -31.94 2.26 23.61
CA GLU A 88 -33.17 2.86 23.07
C GLU A 88 -33.28 4.33 23.44
N ALA A 89 -32.96 4.64 24.70
CA ALA A 89 -33.05 6.00 25.19
C ALA A 89 -32.07 6.86 24.40
N VAL A 90 -30.84 6.39 24.29
CA VAL A 90 -29.81 7.12 23.55
C VAL A 90 -30.11 7.22 22.05
N PHE A 91 -30.61 6.14 21.46
CA PHE A 91 -30.88 6.12 20.02
C PHE A 91 -31.97 7.12 19.66
N PHE A 92 -33.10 7.02 20.33
CA PHE A 92 -34.23 7.84 19.96
C PHE A 92 -34.03 9.33 20.28
N THR A 93 -33.26 9.63 21.33
CA THR A 93 -32.93 11.01 21.66
C THR A 93 -32.07 11.64 20.55
N TYR A 94 -31.01 10.93 20.14
CA TYR A 94 -30.17 11.42 19.04
C TYR A 94 -30.95 11.43 17.72
N LEU A 95 -31.81 10.44 17.52
CA LEU A 95 -32.67 10.44 16.35
C LEU A 95 -33.56 11.70 16.36
N GLY A 96 -34.12 12.05 17.52
CA GLY A 96 -34.92 13.30 17.63
C GLY A 96 -34.12 14.54 17.24
N LYS A 97 -32.90 14.62 17.79
CA LYS A 97 -32.02 15.77 17.63
C LYS A 97 -31.55 15.89 16.19
N ALA A 98 -31.22 14.76 15.58
CA ALA A 98 -30.83 14.77 14.18
C ALA A 98 -31.97 15.28 13.30
N TRP A 99 -33.21 14.83 13.58
CA TRP A 99 -34.36 15.30 12.83
C TRP A 99 -34.50 16.82 12.94
N GLU A 100 -34.31 17.35 14.17
CA GLU A 100 -34.45 18.80 14.45
C GLU A 100 -33.36 19.65 13.80
N VAL A 101 -32.10 19.24 13.93
CA VAL A 101 -31.01 20.02 13.34
C VAL A 101 -31.01 19.93 11.80
N ASN A 102 -31.63 18.88 11.28
CA ASN A 102 -31.78 18.73 9.84
C ASN A 102 -32.65 19.81 9.23
N LYS A 103 -33.64 20.27 9.99
CA LYS A 103 -34.55 21.31 9.54
C LYS A 103 -33.84 22.58 9.06
N GLY A 104 -32.79 23.00 9.77
CA GLY A 104 -31.99 24.17 9.36
C GLY A 104 -30.71 23.90 8.57
N THR A 105 -30.32 22.62 8.39
CA THR A 105 -29.07 22.28 7.67
C THR A 105 -29.19 21.37 6.44
N ASN A 106 -30.26 20.57 6.32
CA ASN A 106 -30.40 19.60 5.23
C ASN A 106 -29.16 18.70 5.08
N CYS A 107 -28.76 18.10 6.21
CA CYS A 107 -27.62 17.23 6.27
C CYS A 107 -27.96 15.73 6.16
N VAL A 108 -29.19 15.33 6.45
CA VAL A 108 -29.57 13.92 6.40
C VAL A 108 -30.23 13.57 5.05
N THR A 109 -29.67 12.60 4.32
CA THR A 109 -30.28 12.10 3.08
C THR A 109 -31.13 10.82 3.26
N SER A 110 -30.85 10.05 4.29
CA SER A 110 -31.50 8.74 4.46
C SER A 110 -31.44 8.20 5.89
N TYR A 111 -32.53 7.58 6.31
CA TYR A 111 -32.61 6.89 7.59
C TYR A 111 -32.31 5.44 7.30
N LEU A 112 -31.36 4.85 8.01
CA LEU A 112 -30.89 3.49 7.70
C LEU A 112 -31.86 2.47 8.28
N THR A 113 -32.61 1.86 7.38
CA THR A 113 -33.96 1.37 7.67
C THR A 113 -33.99 0.37 8.84
N ASP A 114 -33.07 -0.59 8.82
CA ASP A 114 -33.09 -1.67 9.78
C ASP A 114 -32.38 -1.33 11.10
N CYS A 115 -32.04 -0.08 11.32
CA CYS A 115 -31.14 0.27 12.43
C CYS A 115 -31.76 0.12 13.82
N GLU A 116 -33.10 0.12 13.92
CA GLU A 116 -33.79 -0.18 15.19
C GLU A 116 -33.68 -1.65 15.52
N THR A 117 -33.83 -2.52 14.52
CA THR A 117 -33.60 -3.95 14.75
C THR A 117 -32.11 -4.23 15.01
N GLN A 118 -31.22 -3.40 14.44
CA GLN A 118 -29.79 -3.48 14.76
C GLN A 118 -29.58 -3.11 16.23
N LEU A 119 -30.17 -1.98 16.62
CA LEU A 119 -30.17 -1.51 18.01
C LEU A 119 -30.45 -2.62 19.05
N SER A 120 -31.47 -3.44 18.80
CA SER A 120 -31.87 -4.47 19.75
C SER A 120 -30.94 -5.69 19.73
N GLN A 121 -30.12 -5.82 18.68
CA GLN A 121 -29.18 -6.93 18.56
C GLN A 121 -27.71 -6.52 18.75
N ALA A 122 -27.47 -5.29 19.20
CA ALA A 122 -26.09 -4.78 19.33
C ALA A 122 -25.27 -5.60 20.34
N PRO A 123 -24.03 -6.02 19.96
CA PRO A 123 -23.27 -6.82 20.92
C PRO A 123 -22.84 -6.06 22.18
N ARG A 124 -23.15 -6.63 23.33
CA ARG A 124 -23.01 -5.99 24.64
C ARG A 124 -21.58 -5.62 25.00
N GLN A 125 -20.64 -6.50 24.65
CA GLN A 125 -19.24 -6.29 24.97
C GLN A 125 -18.56 -5.36 23.97
N GLY A 126 -19.29 -4.98 22.92
CA GLY A 126 -18.77 -4.04 21.94
C GLY A 126 -18.30 -2.73 22.55
N LEU A 127 -17.17 -2.23 22.05
CA LEU A 127 -16.57 -1.01 22.56
C LEU A 127 -17.39 0.22 22.24
N LEU A 128 -18.35 0.08 21.31
CA LEU A 128 -19.24 1.16 20.93
C LEU A 128 -20.72 0.78 21.17
N TYR A 129 -20.97 -0.14 22.11
CA TYR A 129 -22.33 -0.61 22.40
C TYR A 129 -23.32 0.54 22.54
N GLY A 130 -24.31 0.58 21.64
CA GLY A 130 -25.40 1.55 21.71
C GLY A 130 -25.11 2.95 21.21
N VAL A 131 -23.93 3.18 20.63
CA VAL A 131 -23.58 4.49 20.09
C VAL A 131 -24.18 4.69 18.70
N PRO A 132 -25.11 5.66 18.56
CA PRO A 132 -25.51 6.08 17.22
C PRO A 132 -24.34 6.67 16.48
N VAL A 133 -24.14 6.23 15.23
CA VAL A 133 -23.07 6.73 14.38
C VAL A 133 -23.68 7.18 13.05
N SER A 134 -23.24 8.33 12.54
CA SER A 134 -23.70 8.81 11.24
C SER A 134 -22.65 8.49 10.18
N LEU A 135 -23.09 8.16 8.97
CA LEU A 135 -22.18 7.78 7.88
C LEU A 135 -22.32 8.69 6.68
N LYS A 136 -21.20 9.19 6.16
CA LYS A 136 -21.19 9.87 4.88
C LYS A 136 -21.84 8.91 3.87
N GLU A 137 -22.57 9.47 2.91
CA GLU A 137 -23.40 8.68 1.99
C GLU A 137 -22.62 7.58 1.19
N CYS A 138 -21.32 7.75 1.00
CA CYS A 138 -20.53 6.81 0.23
C CYS A 138 -20.20 5.48 0.98
N PHE A 139 -20.49 5.41 2.27
CA PHE A 139 -20.30 4.16 3.04
C PHE A 139 -21.51 3.30 2.77
N SER A 140 -21.38 2.40 1.81
CA SER A 140 -22.42 1.49 1.43
C SER A 140 -23.08 0.83 2.62
N TYR A 141 -24.41 0.80 2.58
CA TYR A 141 -25.26 0.20 3.59
C TYR A 141 -26.31 -0.58 2.81
N LYS A 142 -26.50 -1.84 3.20
CA LYS A 142 -27.38 -2.76 2.51
C LYS A 142 -28.78 -2.19 2.29
N GLY A 143 -29.31 -2.36 1.07
CA GLY A 143 -30.64 -1.87 0.72
C GLY A 143 -30.70 -0.39 0.35
N HIS A 144 -29.63 0.36 0.63
CA HIS A 144 -29.61 1.78 0.26
C HIS A 144 -28.66 2.28 -0.77
N ASP A 145 -29.13 3.24 -1.56
CA ASP A 145 -28.30 3.94 -2.54
C ASP A 145 -27.13 4.63 -1.87
N SER A 146 -26.00 4.66 -2.57
CA SER A 146 -25.01 5.69 -2.37
C SER A 146 -24.91 6.52 -3.66
N THR A 147 -25.77 7.52 -3.76
CA THR A 147 -25.90 8.31 -4.98
C THR A 147 -24.69 9.17 -5.32
N LEU A 148 -23.99 9.66 -4.29
CA LEU A 148 -23.00 10.72 -4.45
C LEU A 148 -23.60 11.95 -5.17
N GLY A 149 -24.91 12.12 -5.08
CA GLY A 149 -25.61 13.20 -5.76
C GLY A 149 -25.74 13.02 -7.26
N LEU A 150 -25.41 11.82 -7.74
CA LEU A 150 -25.38 11.52 -9.17
C LEU A 150 -26.58 10.68 -9.58
N SER A 151 -27.25 11.13 -10.62
CA SER A 151 -28.43 10.46 -11.16
C SER A 151 -28.19 9.00 -11.47
N LEU A 152 -27.03 8.68 -12.02
CA LEU A 152 -26.78 7.32 -12.48
C LEU A 152 -26.65 6.30 -11.33
N ASN A 153 -26.37 6.76 -10.12
CA ASN A 153 -26.31 5.88 -8.93
C ASN A 153 -27.62 5.81 -8.14
N GLU A 154 -28.68 6.40 -8.69
CA GLU A 154 -29.99 6.37 -8.04
C GLU A 154 -30.77 5.09 -8.45
N GLY A 155 -31.45 4.48 -7.49
CA GLY A 155 -32.13 3.20 -7.71
C GLY A 155 -31.12 2.08 -7.95
N MET A 156 -29.98 2.17 -7.27
CA MET A 156 -28.90 1.18 -7.36
C MET A 156 -28.44 0.88 -5.95
N PRO A 157 -29.28 0.20 -5.17
CA PRO A 157 -29.00 -0.01 -3.76
C PRO A 157 -27.85 -1.01 -3.56
N SER A 158 -27.04 -0.80 -2.51
CA SER A 158 -25.95 -1.74 -2.20
C SER A 158 -26.48 -3.12 -1.82
N GLU A 159 -25.73 -4.12 -2.24
CA GLU A 159 -26.02 -5.50 -1.91
C GLU A 159 -25.65 -5.81 -0.44
N SER A 160 -24.70 -5.06 0.12
CA SER A 160 -24.23 -5.31 1.49
C SER A 160 -23.61 -4.10 2.15
N ASP A 161 -23.40 -4.19 3.45
CA ASP A 161 -22.67 -3.18 4.21
C ASP A 161 -21.20 -3.27 3.81
N CYS A 162 -20.56 -2.10 3.68
CA CYS A 162 -19.12 -2.02 3.51
C CYS A 162 -18.43 -2.46 4.78
N VAL A 163 -17.13 -2.68 4.69
CA VAL A 163 -16.41 -3.35 5.77
C VAL A 163 -16.43 -2.56 7.09
N VAL A 164 -16.15 -1.27 7.03
CA VAL A 164 -16.14 -0.47 8.27
C VAL A 164 -17.53 -0.35 8.91
N VAL A 165 -18.60 -0.39 8.11
CA VAL A 165 -19.94 -0.44 8.65
C VAL A 165 -20.21 -1.80 9.34
N GLN A 166 -19.71 -2.89 8.75
CA GLN A 166 -19.77 -4.19 9.39
C GLN A 166 -19.07 -4.16 10.74
N VAL A 167 -17.86 -3.61 10.77
CA VAL A 167 -17.07 -3.54 12.00
C VAL A 167 -17.74 -2.65 13.05
N LEU A 168 -18.28 -1.51 12.63
CA LEU A 168 -19.00 -0.67 13.55
C LEU A 168 -20.10 -1.47 14.28
N LYS A 169 -20.90 -2.20 13.52
CA LYS A 169 -22.00 -2.99 14.07
C LYS A 169 -21.47 -4.14 14.92
N LEU A 170 -20.41 -4.81 14.48
CA LEU A 170 -19.80 -5.88 15.29
C LEU A 170 -19.24 -5.34 16.61
N GLN A 171 -18.93 -4.04 16.66
CA GLN A 171 -18.48 -3.38 17.88
C GLN A 171 -19.67 -2.79 18.69
N GLY A 172 -20.91 -3.10 18.29
CA GLY A 172 -22.09 -2.66 19.04
C GLY A 172 -22.70 -1.32 18.63
N ALA A 173 -22.05 -0.59 17.73
CA ALA A 173 -22.56 0.70 17.27
C ALA A 173 -23.80 0.52 16.41
N VAL A 174 -24.56 1.61 16.24
CA VAL A 174 -25.82 1.63 15.49
C VAL A 174 -25.79 2.74 14.43
N PRO A 175 -25.33 2.39 13.22
CA PRO A 175 -25.35 3.41 12.19
C PRO A 175 -26.79 3.76 11.88
N PHE A 176 -27.12 5.04 11.85
CA PHE A 176 -28.52 5.40 11.71
C PHE A 176 -28.91 6.33 10.58
N VAL A 177 -27.99 7.16 10.08
CA VAL A 177 -28.28 7.95 8.88
C VAL A 177 -27.13 8.02 7.88
N HIS A 178 -27.49 8.25 6.63
CA HIS A 178 -26.56 8.68 5.61
C HIS A 178 -26.67 10.20 5.55
N THR A 179 -25.52 10.86 5.37
CA THR A 179 -25.45 12.30 5.38
C THR A 179 -24.96 12.83 4.04
N ASN A 180 -25.33 14.07 3.75
CA ASN A 180 -25.23 14.62 2.39
C ASN A 180 -23.78 14.90 1.99
N VAL A 181 -23.53 14.82 0.68
CA VAL A 181 -22.24 15.14 0.06
C VAL A 181 -22.46 16.04 -1.15
N PRO A 182 -21.45 16.83 -1.55
CA PRO A 182 -21.52 17.51 -2.83
C PRO A 182 -21.51 16.50 -3.97
N GLN A 183 -22.13 16.88 -5.09
CA GLN A 183 -22.25 15.98 -6.23
C GLN A 183 -20.89 15.44 -6.66
N SER A 184 -20.81 14.13 -6.79
CA SER A 184 -19.56 13.41 -7.13
C SER A 184 -18.53 13.38 -6.01
N MET A 185 -18.71 14.11 -4.92
CA MET A 185 -17.69 14.23 -3.85
C MET A 185 -16.43 15.03 -4.22
N PHE A 186 -16.30 15.44 -5.47
CA PHE A 186 -15.07 16.11 -5.87
C PHE A 186 -15.20 17.61 -5.64
N SER A 187 -15.19 17.97 -4.35
CA SER A 187 -15.57 19.30 -3.92
C SER A 187 -15.28 19.45 -2.45
N TYR A 188 -15.15 20.69 -1.97
CA TYR A 188 -15.19 20.92 -0.52
C TYR A 188 -16.38 21.81 -0.11
N ASP A 189 -17.42 21.83 -0.95
CA ASP A 189 -18.73 22.38 -0.59
C ASP A 189 -19.63 21.17 -0.37
N CYS A 190 -20.95 21.36 -0.30
CA CYS A 190 -21.84 20.25 -0.01
C CYS A 190 -23.24 20.39 -0.57
N SER A 191 -23.32 20.55 -1.89
CA SER A 191 -24.62 20.55 -2.55
C SER A 191 -24.64 19.58 -3.73
N ASN A 192 -25.80 18.94 -3.95
CA ASN A 192 -26.02 18.16 -5.18
C ASN A 192 -27.45 18.26 -5.65
N PRO A 193 -27.72 17.90 -6.91
CA PRO A 193 -29.06 18.10 -7.47
C PRO A 193 -30.14 17.14 -6.99
N LEU A 194 -29.77 16.08 -6.28
CA LEU A 194 -30.75 15.10 -5.84
C LEU A 194 -31.33 15.55 -4.52
N PHE A 195 -30.47 15.72 -3.51
CA PHE A 195 -30.90 16.12 -2.16
C PHE A 195 -30.72 17.62 -1.84
N GLY A 196 -30.07 18.35 -2.75
CA GLY A 196 -29.87 19.78 -2.56
C GLY A 196 -28.68 20.12 -1.68
N GLN A 197 -28.79 21.26 -1.02
CA GLN A 197 -27.66 21.98 -0.46
C GLN A 197 -27.61 21.88 1.07
N THR A 198 -26.47 21.47 1.61
CA THR A 198 -26.29 21.42 3.07
C THR A 198 -25.72 22.74 3.57
N MET A 199 -26.24 23.22 4.69
CA MET A 199 -25.84 24.52 5.22
C MET A 199 -25.03 24.38 6.51
N ASN A 200 -24.10 25.32 6.73
CA ASN A 200 -23.34 25.36 7.99
C ASN A 200 -24.30 25.68 9.15
N PRO A 201 -24.25 24.91 10.25
CA PRO A 201 -25.20 25.14 11.36
C PRO A 201 -24.94 26.40 12.17
N TRP A 202 -23.77 27.03 12.00
CA TRP A 202 -23.42 28.27 12.70
C TRP A 202 -23.94 29.51 11.97
N LYS A 203 -24.18 29.38 10.68
CA LYS A 203 -24.62 30.50 9.84
C LYS A 203 -25.04 29.91 8.50
N SER A 204 -26.31 30.11 8.14
CA SER A 204 -26.89 29.41 7.01
C SER A 204 -26.48 29.94 5.64
N SER A 205 -25.81 31.09 5.61
CA SER A 205 -25.23 31.58 4.37
C SER A 205 -23.86 30.94 4.07
N LYS A 206 -23.39 30.09 5.00
CA LYS A 206 -22.04 29.53 4.91
C LYS A 206 -22.06 28.04 4.56
N SER A 207 -21.01 27.59 3.87
CA SER A 207 -20.81 26.18 3.61
C SER A 207 -20.46 25.43 4.89
N PRO A 208 -20.95 24.19 5.04
CA PRO A 208 -20.46 23.30 6.09
C PRO A 208 -19.11 22.68 5.74
N GLY A 209 -18.59 23.01 4.57
CA GLY A 209 -17.38 22.37 4.08
C GLY A 209 -17.80 21.08 3.45
N GLY A 210 -16.82 20.27 3.03
CA GLY A 210 -17.10 19.01 2.36
C GLY A 210 -15.85 18.29 1.90
N SER A 211 -15.99 17.14 1.25
CA SER A 211 -17.26 16.52 0.91
C SER A 211 -17.99 15.83 2.06
N SER A 212 -17.35 15.64 3.22
CA SER A 212 -18.06 15.10 4.40
C SER A 212 -18.90 16.19 5.13
N GLY A 213 -19.61 17.02 4.35
CA GLY A 213 -20.31 18.19 4.92
C GLY A 213 -21.57 17.90 5.72
N GLY A 214 -22.32 16.90 5.29
CA GLY A 214 -23.46 16.44 6.08
C GLY A 214 -23.00 15.96 7.44
N GLU A 215 -21.86 15.29 7.49
CA GLU A 215 -21.31 14.85 8.77
C GLU A 215 -20.91 16.04 9.62
N GLY A 216 -20.32 17.05 8.97
CA GLY A 216 -19.88 18.25 9.66
C GLY A 216 -21.05 19.00 10.30
N ALA A 217 -22.13 19.15 9.54
CA ALA A 217 -23.30 19.87 9.99
C ALA A 217 -24.05 19.11 11.08
N LEU A 218 -24.22 17.81 10.89
CA LEU A 218 -24.92 16.96 11.85
C LEU A 218 -24.17 16.92 13.17
N ILE A 219 -22.92 16.52 13.13
CA ILE A 219 -22.12 16.41 14.36
C ILE A 219 -21.97 17.80 15.01
N GLY A 220 -21.73 18.80 14.17
CA GLY A 220 -21.44 20.16 14.63
C GLY A 220 -22.59 20.87 15.31
N SER A 221 -23.81 20.39 15.10
CA SER A 221 -24.99 20.92 15.77
C SER A 221 -25.57 19.95 16.81
N GLY A 222 -24.87 18.85 17.08
CA GLY A 222 -25.25 17.96 18.19
C GLY A 222 -26.12 16.76 17.82
N GLY A 223 -26.36 16.53 16.53
CA GLY A 223 -27.26 15.46 16.04
C GLY A 223 -26.67 14.06 15.92
N SER A 224 -25.38 13.94 16.19
CA SER A 224 -24.68 12.67 16.19
C SER A 224 -23.36 12.83 16.94
N PRO A 225 -23.01 11.85 17.79
CA PRO A 225 -21.82 11.95 18.58
C PRO A 225 -20.55 11.45 17.89
N LEU A 226 -20.71 10.76 16.76
CA LEU A 226 -19.58 10.15 16.04
C LEU A 226 -19.98 9.88 14.58
N GLY A 227 -19.10 10.21 13.65
CA GLY A 227 -19.38 9.95 12.23
C GLY A 227 -18.16 9.46 11.49
N LEU A 228 -18.35 8.88 10.30
CA LEU A 228 -17.24 8.55 9.41
C LEU A 228 -17.33 9.35 8.13
N GLY A 229 -16.19 9.87 7.69
CA GLY A 229 -16.09 10.59 6.42
C GLY A 229 -14.92 10.03 5.61
N THR A 230 -14.65 10.67 4.48
CA THR A 230 -13.49 10.37 3.67
C THR A 230 -12.79 11.65 3.21
N ASP A 231 -11.57 11.50 2.70
CA ASP A 231 -10.67 12.64 2.51
C ASP A 231 -9.63 12.24 1.47
N ILE A 232 -9.65 12.92 0.32
CA ILE A 232 -8.65 12.70 -0.72
C ILE A 232 -7.90 14.00 -1.00
N GLY A 233 -8.51 15.13 -0.63
CA GLY A 233 -7.84 16.44 -0.62
C GLY A 233 -8.25 17.34 0.55
N GLY A 234 -8.83 16.76 1.59
CA GLY A 234 -9.20 17.49 2.81
C GLY A 234 -10.62 17.31 3.30
N SER A 235 -11.34 16.35 2.74
CA SER A 235 -12.77 16.28 2.90
C SER A 235 -13.28 15.78 4.25
N ILE A 236 -12.39 15.35 5.14
CA ILE A 236 -12.73 15.18 6.55
C ILE A 236 -12.43 16.49 7.25
N ARG A 237 -11.32 17.11 6.86
CA ARG A 237 -10.79 18.26 7.56
C ARG A 237 -11.51 19.59 7.29
N PHE A 238 -11.93 19.84 6.05
CA PHE A 238 -12.72 21.05 5.79
C PHE A 238 -14.00 21.06 6.64
N PRO A 239 -14.83 20.03 6.53
CA PRO A 239 -16.09 20.07 7.25
C PRO A 239 -15.92 20.18 8.74
N SER A 240 -14.97 19.43 9.30
CA SER A 240 -14.62 19.50 10.71
C SER A 240 -14.25 20.93 11.09
N ALA A 241 -13.32 21.52 10.36
CA ALA A 241 -12.91 22.91 10.65
C ALA A 241 -14.06 23.91 10.51
N PHE A 242 -14.79 23.85 9.41
CA PHE A 242 -15.84 24.83 9.12
C PHE A 242 -17.01 24.73 10.10
N CYS A 243 -17.25 23.54 10.64
CA CYS A 243 -18.37 23.30 11.54
C CYS A 243 -17.93 23.23 13.01
N GLY A 244 -16.64 23.38 13.28
CA GLY A 244 -16.17 23.45 14.67
C GLY A 244 -16.15 22.11 15.42
N ILE A 245 -15.73 21.05 14.74
CA ILE A 245 -15.58 19.75 15.37
C ILE A 245 -14.19 19.17 15.03
N CYS A 246 -13.88 18.01 15.62
CA CYS A 246 -12.62 17.34 15.41
C CYS A 246 -12.73 16.31 14.27
N GLY A 247 -11.66 16.16 13.49
CA GLY A 247 -11.58 15.10 12.48
C GLY A 247 -10.16 14.58 12.29
N LEU A 248 -10.03 13.31 11.90
CA LEU A 248 -8.74 12.69 11.61
C LEU A 248 -8.78 12.02 10.25
N LYS A 249 -7.81 12.35 9.40
CA LYS A 249 -7.53 11.59 8.19
C LYS A 249 -6.28 10.75 8.39
N PRO A 250 -6.47 9.44 8.67
CA PRO A 250 -5.33 8.51 8.80
C PRO A 250 -4.54 8.35 7.51
N THR A 251 -3.41 7.65 7.61
CA THR A 251 -2.73 7.12 6.45
C THR A 251 -3.74 6.33 5.62
N GLY A 252 -3.67 6.48 4.30
CA GLY A 252 -4.67 5.92 3.38
C GLY A 252 -5.10 4.49 3.73
N ASN A 253 -4.13 3.62 4.01
CA ASN A 253 -4.43 2.20 4.17
C ASN A 253 -4.42 1.74 5.63
N ARG A 254 -4.70 2.64 6.57
CA ARG A 254 -4.86 2.25 7.97
C ARG A 254 -6.24 1.63 8.19
N LEU A 255 -7.22 2.09 7.45
CA LEU A 255 -8.57 1.54 7.52
C LEU A 255 -9.01 0.99 6.16
N SER A 256 -10.03 0.14 6.17
CA SER A 256 -10.51 -0.52 4.96
C SER A 256 -11.39 0.38 4.12
N LYS A 257 -11.05 0.46 2.84
CA LYS A 257 -11.89 1.16 1.87
C LYS A 257 -12.84 0.20 1.15
N SER A 258 -12.89 -1.05 1.59
CA SER A 258 -13.67 -2.07 0.87
C SER A 258 -15.16 -1.82 1.03
N GLY A 259 -15.86 -1.75 -0.11
CA GLY A 259 -17.29 -1.43 -0.17
C GLY A 259 -17.61 0.04 -0.30
N LEU A 260 -16.61 0.91 -0.36
CA LEU A 260 -16.90 2.35 -0.48
C LEU A 260 -17.35 2.66 -1.90
N LYS A 261 -18.38 3.47 -2.01
CA LYS A 261 -18.83 3.96 -3.32
C LYS A 261 -17.92 5.10 -3.78
N GLY A 262 -17.61 5.13 -5.07
CA GLY A 262 -16.80 6.21 -5.65
C GLY A 262 -17.22 6.59 -7.05
N CYS A 263 -16.54 7.61 -7.59
CA CYS A 263 -16.76 8.11 -8.95
C CYS A 263 -15.70 7.52 -9.89
N VAL A 264 -14.45 7.61 -9.45
CA VAL A 264 -13.31 7.17 -10.22
C VAL A 264 -12.70 6.01 -9.47
N TYR A 265 -12.42 4.93 -10.18
CA TYR A 265 -11.84 3.77 -9.55
C TYR A 265 -10.49 3.48 -10.19
N GLY A 266 -9.54 3.03 -9.36
CA GLY A 266 -8.24 2.57 -9.82
C GLY A 266 -7.16 3.63 -9.81
N GLN A 267 -7.48 4.79 -9.27
CA GLN A 267 -6.52 5.89 -9.20
C GLN A 267 -5.80 5.74 -7.87
N THR A 268 -4.49 5.48 -7.92
CA THR A 268 -3.72 5.10 -6.71
C THR A 268 -2.52 6.00 -6.37
N ALA A 269 -2.30 7.04 -7.17
CA ALA A 269 -1.24 8.01 -6.95
C ALA A 269 -1.50 8.89 -5.71
N VAL A 270 -2.71 9.41 -5.60
CA VAL A 270 -3.19 10.11 -4.41
C VAL A 270 -4.30 9.28 -3.79
N GLN A 271 -4.02 8.71 -2.62
CA GLN A 271 -4.95 7.78 -2.01
C GLN A 271 -6.05 8.42 -1.19
N LEU A 272 -7.15 7.70 -1.15
CA LEU A 272 -8.31 8.06 -0.40
C LEU A 272 -8.10 7.58 1.01
N SER A 273 -8.48 8.40 1.97
CA SER A 273 -8.48 7.95 3.34
C SER A 273 -9.88 8.14 3.98
N LEU A 274 -10.22 7.26 4.91
CA LEU A 274 -11.45 7.38 5.65
C LEU A 274 -11.12 7.48 7.12
N GLY A 275 -11.98 8.16 7.86
CA GLY A 275 -11.69 8.40 9.26
C GLY A 275 -12.80 9.04 10.03
N PRO A 276 -12.60 9.23 11.34
CA PRO A 276 -13.65 9.68 12.22
C PRO A 276 -13.78 11.18 12.34
N MET A 277 -15.00 11.60 12.65
CA MET A 277 -15.35 12.96 12.96
C MET A 277 -16.20 12.92 14.22
N ALA A 278 -16.03 13.91 15.10
CA ALA A 278 -16.61 13.87 16.44
C ALA A 278 -16.44 15.20 17.15
N ARG A 279 -17.07 15.38 18.29
CA ARG A 279 -17.01 16.66 19.00
C ARG A 279 -15.72 16.82 19.79
N ASP A 280 -15.00 15.73 20.02
CA ASP A 280 -13.74 15.81 20.76
C ASP A 280 -12.74 14.77 20.23
N VAL A 281 -11.48 14.91 20.65
CA VAL A 281 -10.39 14.07 20.19
C VAL A 281 -10.53 12.64 20.76
N GLU A 282 -10.79 12.55 22.06
CA GLU A 282 -11.01 11.25 22.69
C GLU A 282 -12.02 10.41 21.90
N SER A 283 -13.03 11.04 21.31
CA SER A 283 -14.00 10.30 20.49
C SER A 283 -13.33 9.71 19.26
N LEU A 284 -12.45 10.48 18.61
CA LEU A 284 -11.66 9.99 17.46
C LEU A 284 -10.78 8.81 17.82
N ALA A 285 -10.09 8.89 18.95
CA ALA A 285 -9.24 7.81 19.43
C ALA A 285 -10.06 6.56 19.79
N LEU A 286 -11.23 6.74 20.40
CA LEU A 286 -12.13 5.61 20.68
C LEU A 286 -12.53 4.90 19.39
N CYS A 287 -12.96 5.71 18.41
CA CYS A 287 -13.39 5.17 17.12
C CYS A 287 -12.31 4.34 16.43
N LEU A 288 -11.11 4.90 16.33
CA LEU A 288 -9.99 4.19 15.70
C LEU A 288 -9.66 2.90 16.49
N LYS A 289 -9.72 2.98 17.82
CA LYS A 289 -9.44 1.79 18.64
C LYS A 289 -10.46 0.70 18.37
N ALA A 290 -11.72 1.08 18.23
CA ALA A 290 -12.79 0.12 17.98
C ALA A 290 -12.69 -0.47 16.57
N LEU A 291 -12.26 0.34 15.62
CA LEU A 291 -12.16 -0.11 14.24
C LEU A 291 -10.93 -0.98 14.01
N LEU A 292 -9.80 -0.63 14.62
CA LEU A 292 -8.55 -1.39 14.45
C LEU A 292 -8.51 -2.70 15.31
N CYS A 293 -9.41 -3.62 14.98
CA CYS A 293 -9.56 -4.90 15.68
C CYS A 293 -9.52 -6.06 14.66
N GLU A 294 -9.52 -7.29 15.18
CA GLU A 294 -9.51 -8.49 14.35
C GLU A 294 -10.65 -8.51 13.33
N HIS A 295 -11.85 -8.12 13.74
CA HIS A 295 -12.96 -8.11 12.80
C HIS A 295 -12.56 -7.38 11.51
N LEU A 296 -11.96 -6.19 11.63
CA LEU A 296 -11.54 -5.44 10.46
C LEU A 296 -10.48 -6.19 9.65
N PHE A 297 -9.47 -6.66 10.35
CA PHE A 297 -8.30 -7.28 9.77
C PHE A 297 -8.62 -8.60 9.07
N THR A 298 -9.60 -9.35 9.59
CA THR A 298 -10.09 -10.53 8.90
C THR A 298 -11.12 -10.20 7.79
N LEU A 299 -12.02 -9.27 7.99
CA LEU A 299 -12.96 -8.90 6.89
C LEU A 299 -12.24 -8.21 5.70
N ASP A 300 -11.13 -7.52 5.94
CA ASP A 300 -10.31 -6.97 4.83
C ASP A 300 -8.83 -7.21 5.11
N PRO A 301 -8.33 -8.37 4.68
CA PRO A 301 -6.94 -8.69 4.91
C PRO A 301 -5.93 -7.79 4.19
N THR A 302 -6.37 -6.96 3.26
CA THR A 302 -5.44 -6.06 2.58
C THR A 302 -4.98 -4.86 3.44
N VAL A 303 -5.70 -4.59 4.53
CA VAL A 303 -5.32 -3.60 5.51
C VAL A 303 -4.31 -4.19 6.47
N PRO A 304 -3.15 -3.55 6.62
CA PRO A 304 -2.18 -4.08 7.61
C PRO A 304 -2.77 -4.16 9.00
N PRO A 305 -2.62 -5.32 9.65
CA PRO A 305 -3.18 -5.59 10.96
C PRO A 305 -2.41 -4.91 12.11
N LEU A 306 -2.51 -3.58 12.16
CA LEU A 306 -1.87 -2.73 13.18
C LEU A 306 -2.91 -2.28 14.21
N PRO A 307 -2.96 -2.95 15.37
CA PRO A 307 -3.95 -2.51 16.38
C PRO A 307 -3.65 -1.10 16.91
N PHE A 308 -4.67 -0.46 17.47
CA PHE A 308 -4.47 0.85 18.10
C PHE A 308 -3.48 0.76 19.26
N ARG A 309 -2.48 1.63 19.26
CA ARG A 309 -1.44 1.64 20.30
C ARG A 309 -1.75 2.66 21.41
N GLU A 310 -2.49 2.21 22.44
CA GLU A 310 -3.00 3.12 23.47
C GLU A 310 -1.89 3.95 24.12
N GLU A 311 -0.76 3.31 24.40
CA GLU A 311 0.33 3.96 25.16
C GLU A 311 1.04 5.09 24.39
N VAL A 312 0.96 5.08 23.07
CA VAL A 312 1.48 6.19 22.27
C VAL A 312 0.46 7.32 22.33
N TYR A 313 -0.82 6.97 22.18
CA TYR A 313 -1.88 7.95 22.29
C TYR A 313 -1.86 8.66 23.67
N ARG A 314 -1.61 7.92 24.75
CA ARG A 314 -1.69 8.47 26.12
C ARG A 314 -0.39 9.09 26.65
N SER A 315 0.71 8.91 25.93
CA SER A 315 2.00 9.50 26.33
C SER A 315 1.93 11.02 26.61
N SER A 316 2.64 11.46 27.63
CA SER A 316 2.73 12.89 27.94
C SER A 316 4.16 13.43 27.87
N ARG A 317 4.99 12.78 27.06
CA ARG A 317 6.36 13.27 26.82
C ARG A 317 6.35 14.54 25.95
N PRO A 318 7.25 15.49 26.25
CA PRO A 318 7.42 16.68 25.43
C PRO A 318 7.68 16.31 23.98
N LEU A 319 7.12 17.11 23.07
CA LEU A 319 7.17 16.88 21.64
C LEU A 319 8.03 17.93 20.99
N ARG A 320 8.74 17.54 19.94
CA ARG A 320 9.32 18.49 19.00
C ARG A 320 8.29 18.78 17.90
N VAL A 321 7.74 19.98 17.95
CA VAL A 321 6.65 20.37 17.08
C VAL A 321 7.15 21.32 16.00
N GLY A 322 7.30 20.84 14.77
CA GLY A 322 7.57 21.72 13.64
C GLY A 322 6.33 22.59 13.43
N TYR A 323 6.48 23.78 12.85
CA TYR A 323 5.30 24.63 12.60
C TYR A 323 5.53 25.65 11.51
N TYR A 324 4.44 25.99 10.82
CA TYR A 324 4.39 27.17 9.97
C TYR A 324 3.08 27.97 10.10
N GLU A 325 3.19 29.26 9.80
CA GLU A 325 2.07 30.20 9.86
C GLU A 325 1.39 30.37 8.51
N THR A 326 2.10 29.97 7.45
CA THR A 326 1.60 30.07 6.09
C THR A 326 2.34 29.07 5.23
N ASP A 327 1.67 28.56 4.20
CA ASP A 327 2.32 27.65 3.26
C ASP A 327 2.89 28.41 2.07
N ASN A 328 2.76 29.73 2.09
CA ASN A 328 3.19 30.61 1.01
C ASN A 328 2.48 30.40 -0.31
N TYR A 329 1.25 29.88 -0.22
CA TYR A 329 0.48 29.49 -1.39
C TYR A 329 -0.92 30.06 -1.24
N THR A 330 -1.59 29.70 -0.16
CA THR A 330 -2.86 30.33 0.19
C THR A 330 -2.61 31.20 1.42
N MET A 331 -2.74 32.52 1.24
CA MET A 331 -2.56 33.44 2.34
C MET A 331 -3.56 33.09 3.45
N PRO A 332 -3.08 32.96 4.70
CA PRO A 332 -4.03 32.67 5.77
C PRO A 332 -4.92 33.84 6.08
N SER A 333 -6.16 33.58 6.50
CA SER A 333 -6.99 34.65 7.08
C SER A 333 -6.36 35.11 8.39
N PRO A 334 -6.63 36.35 8.81
CA PRO A 334 -6.18 36.74 10.14
C PRO A 334 -6.55 35.73 11.22
N ALA A 335 -7.75 35.15 11.13
CA ALA A 335 -8.22 34.18 12.13
C ALA A 335 -7.38 32.90 12.13
N MET A 336 -7.08 32.37 10.94
CA MET A 336 -6.16 31.23 10.79
C MET A 336 -4.82 31.53 11.43
N ARG A 337 -4.22 32.66 11.05
CA ARG A 337 -2.91 33.06 11.58
C ARG A 337 -2.91 33.21 13.12
N ARG A 338 -3.94 33.85 13.68
CA ARG A 338 -4.05 34.00 15.12
C ARG A 338 -4.18 32.62 15.80
N ALA A 339 -5.00 31.76 15.21
CA ALA A 339 -5.20 30.40 15.73
C ALA A 339 -3.88 29.65 15.81
N LEU A 340 -3.08 29.75 14.75
CA LEU A 340 -1.78 29.05 14.69
C LEU A 340 -0.77 29.59 15.71
N ILE A 341 -0.56 30.90 15.72
CA ILE A 341 0.39 31.53 16.65
C ILE A 341 0.00 31.27 18.12
N GLU A 342 -1.27 31.46 18.45
CA GLU A 342 -1.75 31.24 19.82
C GLU A 342 -1.51 29.78 20.29
N THR A 343 -1.84 28.82 19.43
CA THR A 343 -1.59 27.41 19.75
C THR A 343 -0.10 27.14 19.93
N LYS A 344 0.72 27.72 19.06
CA LYS A 344 2.17 27.58 19.18
C LYS A 344 2.63 28.05 20.56
N GLN A 345 2.23 29.25 20.93
CA GLN A 345 2.66 29.87 22.19
C GLN A 345 2.26 29.06 23.43
N ARG A 346 1.09 28.43 23.36
CA ARG A 346 0.62 27.59 24.45
C ARG A 346 1.39 26.27 24.51
N LEU A 347 1.77 25.74 23.34
CA LEU A 347 2.54 24.50 23.30
C LEU A 347 3.93 24.76 23.92
N GLU A 348 4.57 25.86 23.53
CA GLU A 348 5.80 26.31 24.16
C GLU A 348 5.70 26.44 25.69
N ALA A 349 4.62 27.06 26.18
CA ALA A 349 4.43 27.28 27.61
C ALA A 349 4.21 25.95 28.34
N ALA A 350 3.58 25.01 27.66
CA ALA A 350 3.38 23.67 28.18
C ALA A 350 4.65 22.80 28.13
N GLY A 351 5.68 23.26 27.43
CA GLY A 351 7.01 22.64 27.50
C GLY A 351 7.49 21.98 26.22
N HIS A 352 6.73 22.09 25.14
CA HIS A 352 7.12 21.49 23.87
C HIS A 352 8.09 22.41 23.09
N THR A 353 8.93 21.84 22.23
CA THR A 353 9.87 22.65 21.46
C THR A 353 9.26 22.93 20.10
N LEU A 354 9.08 24.21 19.79
CA LEU A 354 8.45 24.66 18.56
C LEU A 354 9.53 25.09 17.56
N ILE A 355 9.53 24.46 16.39
CA ILE A 355 10.63 24.56 15.43
C ILE A 355 10.07 25.02 14.08
N PRO A 356 10.46 26.22 13.59
CA PRO A 356 9.98 26.62 12.28
C PRO A 356 10.30 25.56 11.24
N PHE A 357 9.29 25.14 10.50
CA PHE A 357 9.44 24.09 9.52
C PHE A 357 8.38 24.19 8.44
N LEU A 358 8.79 24.14 7.17
CA LEU A 358 7.86 24.16 6.05
C LEU A 358 8.28 23.11 5.04
N PRO A 359 7.39 22.17 4.71
CA PRO A 359 7.77 21.19 3.70
C PRO A 359 8.20 21.83 2.40
N ASN A 360 9.26 21.29 1.81
CA ASN A 360 9.83 21.85 0.59
C ASN A 360 8.89 21.64 -0.60
N ASN A 361 8.98 22.55 -1.55
CA ASN A 361 8.36 22.43 -2.86
C ASN A 361 6.88 22.14 -2.86
N ILE A 362 6.16 22.85 -2.01
CA ILE A 362 4.71 22.72 -1.95
C ILE A 362 4.00 22.98 -3.29
N PRO A 363 4.40 24.01 -4.04
CA PRO A 363 3.79 24.26 -5.34
C PRO A 363 3.85 23.03 -6.25
N TYR A 364 5.03 22.42 -6.34
CA TYR A 364 5.20 21.18 -7.10
C TYR A 364 4.28 20.10 -6.59
N ALA A 365 4.28 19.86 -5.29
CA ALA A 365 3.40 18.84 -4.69
C ALA A 365 1.92 19.03 -5.06
N LEU A 366 1.51 20.30 -5.21
CA LEU A 366 0.13 20.63 -5.48
C LEU A 366 -0.17 20.71 -6.97
N GLU A 367 0.62 21.49 -7.69
CA GLU A 367 0.37 21.72 -9.08
C GLU A 367 0.72 20.53 -9.97
N VAL A 368 1.81 19.83 -9.69
CA VAL A 368 2.21 18.73 -10.57
C VAL A 368 1.78 17.38 -9.99
N LEU A 369 2.12 17.10 -8.73
CA LEU A 369 1.86 15.76 -8.16
C LEU A 369 0.39 15.53 -7.86
N SER A 370 -0.22 16.43 -7.11
CA SER A 370 -1.58 16.23 -6.67
C SER A 370 -2.56 16.36 -7.86
N THR A 371 -2.45 17.44 -8.63
CA THR A 371 -3.34 17.67 -9.78
C THR A 371 -3.14 16.56 -10.77
N GLY A 372 -1.87 16.25 -11.09
CA GLY A 372 -1.59 15.19 -12.05
C GLY A 372 -2.09 13.84 -11.57
N GLY A 373 -1.94 13.55 -10.27
CA GLY A 373 -2.48 12.31 -9.72
C GLY A 373 -4.02 12.19 -9.81
N LEU A 374 -4.73 13.27 -9.53
CA LEU A 374 -6.19 13.23 -9.56
C LEU A 374 -6.74 13.31 -11.00
N PHE A 375 -6.00 13.93 -11.91
CA PHE A 375 -6.49 14.15 -13.26
C PHE A 375 -5.62 13.49 -14.33
N SER A 376 -4.96 12.38 -13.99
CA SER A 376 -4.01 11.73 -14.92
C SER A 376 -4.64 11.43 -16.28
N ASP A 377 -5.94 11.15 -16.31
CA ASP A 377 -6.66 10.81 -17.54
C ASP A 377 -7.38 12.01 -18.16
N GLY A 378 -7.01 13.20 -17.71
CA GLY A 378 -7.61 14.43 -18.16
C GLY A 378 -9.01 14.64 -17.61
N GLY A 379 -9.41 13.85 -16.61
CA GLY A 379 -10.75 13.91 -16.08
C GLY A 379 -11.78 13.07 -16.80
N ARG A 380 -11.38 12.27 -17.78
CA ARG A 380 -12.36 11.50 -18.57
C ARG A 380 -13.20 10.54 -17.75
N SER A 381 -12.58 9.70 -16.91
CA SER A 381 -13.31 8.71 -16.10
C SER A 381 -14.32 9.46 -15.25
N PHE A 382 -13.84 10.54 -14.61
CA PHE A 382 -14.69 11.39 -13.77
C PHE A 382 -15.91 11.94 -14.51
N LEU A 383 -15.69 12.47 -15.71
CA LEU A 383 -16.79 13.04 -16.50
C LEU A 383 -17.92 12.08 -16.90
N GLN A 384 -17.62 10.79 -17.04
CA GLN A 384 -18.67 9.81 -17.43
C GLN A 384 -19.81 9.76 -16.41
N ASN A 385 -19.50 10.05 -15.15
CA ASN A 385 -20.53 10.08 -14.12
C ASN A 385 -21.54 11.20 -14.33
N PHE A 386 -21.14 12.27 -15.04
CA PHE A 386 -22.02 13.42 -15.26
C PHE A 386 -22.85 13.37 -16.55
N LYS A 387 -22.66 12.35 -17.39
CA LYS A 387 -23.44 12.24 -18.64
C LYS A 387 -24.92 12.14 -18.37
N GLY A 388 -25.68 13.08 -18.95
CA GLY A 388 -27.13 13.13 -18.77
C GLY A 388 -27.58 13.78 -17.47
N ASP A 389 -26.64 14.27 -16.65
CA ASP A 389 -26.96 14.80 -15.34
C ASP A 389 -26.84 16.32 -15.31
N PHE A 390 -27.52 16.93 -14.36
CA PHE A 390 -27.27 18.31 -14.03
C PHE A 390 -25.90 18.47 -13.41
N VAL A 391 -25.38 19.69 -13.49
CA VAL A 391 -24.11 20.02 -12.87
C VAL A 391 -24.41 21.02 -11.77
N ASP A 392 -24.19 20.62 -10.53
CA ASP A 392 -24.55 21.47 -9.40
C ASP A 392 -23.71 22.76 -9.43
N PRO A 393 -24.34 23.90 -9.13
CA PRO A 393 -23.63 25.18 -9.11
C PRO A 393 -22.40 25.20 -8.18
N CYS A 394 -22.41 24.39 -7.12
CA CYS A 394 -21.33 24.39 -6.17
C CYS A 394 -20.05 23.78 -6.72
N LEU A 395 -20.11 23.12 -7.88
CA LEU A 395 -18.88 22.64 -8.54
C LEU A 395 -18.17 23.68 -9.41
N GLY A 396 -18.77 24.85 -9.56
CA GLY A 396 -18.14 25.95 -10.27
C GLY A 396 -18.02 25.68 -11.75
N ASP A 397 -16.85 25.94 -12.32
CA ASP A 397 -16.62 25.67 -13.73
C ASP A 397 -15.84 24.37 -13.96
N LEU A 398 -15.70 23.56 -12.91
CA LEU A 398 -14.87 22.35 -12.99
C LEU A 398 -15.19 21.47 -14.18
N ILE A 399 -16.47 21.09 -14.30
CA ILE A 399 -16.92 20.20 -15.38
C ILE A 399 -16.69 20.81 -16.75
N LEU A 400 -17.12 22.06 -16.92
CA LEU A 400 -16.87 22.83 -18.15
C LEU A 400 -15.38 22.81 -18.53
N ILE A 401 -14.51 23.05 -17.55
CA ILE A 401 -13.07 23.09 -17.81
C ILE A 401 -12.50 21.71 -18.18
N LEU A 402 -12.95 20.67 -17.49
CA LEU A 402 -12.58 19.29 -17.78
C LEU A 402 -13.05 18.84 -19.17
N ARG A 403 -14.21 19.33 -19.59
CA ARG A 403 -14.79 18.98 -20.88
C ARG A 403 -13.94 19.47 -22.05
N LEU A 404 -13.17 20.55 -21.86
CA LEU A 404 -12.43 21.20 -22.95
C LEU A 404 -11.37 20.28 -23.57
N PRO A 405 -11.06 20.48 -24.86
CA PRO A 405 -10.08 19.63 -25.55
C PRO A 405 -8.65 19.77 -25.00
N SER A 406 -7.88 18.68 -25.01
CA SER A 406 -6.53 18.66 -24.42
C SER A 406 -5.61 19.74 -25.01
N TRP A 407 -5.85 20.08 -26.28
CA TRP A 407 -5.11 21.13 -26.94
C TRP A 407 -5.56 22.54 -26.53
N PHE A 408 -6.86 22.75 -26.32
CA PHE A 408 -7.36 24.09 -25.99
C PHE A 408 -7.09 24.40 -24.51
N LYS A 409 -6.89 23.37 -23.70
CA LYS A 409 -6.39 23.54 -22.34
C LYS A 409 -4.94 24.02 -22.41
N ARG A 410 -4.12 23.23 -23.12
CA ARG A 410 -2.70 23.52 -23.35
C ARG A 410 -2.45 24.94 -23.87
N LEU A 411 -3.30 25.39 -24.81
CA LEU A 411 -3.16 26.71 -25.41
C LEU A 411 -3.49 27.81 -24.41
N LEU A 412 -4.66 27.71 -23.79
CA LEU A 412 -5.09 28.62 -22.73
C LEU A 412 -4.10 28.65 -21.54
N SER A 413 -3.43 27.53 -21.31
CA SER A 413 -2.37 27.45 -20.29
C SER A 413 -1.21 28.36 -20.67
N LEU A 414 -0.80 28.34 -21.93
CA LEU A 414 0.31 29.17 -22.40
C LEU A 414 -0.05 30.66 -22.41
N LEU A 415 -1.30 31.00 -22.73
CA LEU A 415 -1.75 32.40 -22.66
C LEU A 415 -1.83 32.95 -21.23
N LEU A 416 -2.27 32.13 -20.29
CA LEU A 416 -2.41 32.56 -18.89
C LEU A 416 -1.09 32.58 -18.11
N LYS A 417 -0.05 31.89 -18.58
CA LYS A 417 1.18 31.72 -17.80
C LYS A 417 1.85 33.03 -17.38
N PRO A 418 1.99 34.01 -18.30
CA PRO A 418 2.58 35.28 -17.86
C PRO A 418 1.80 35.95 -16.73
N LEU A 419 0.49 36.10 -16.89
CA LEU A 419 -0.32 36.85 -15.93
C LEU A 419 -0.77 36.04 -14.72
N PHE A 420 -1.05 34.74 -14.90
CA PHE A 420 -1.67 33.92 -13.84
C PHE A 420 -1.05 32.50 -13.75
N PRO A 421 0.19 32.41 -13.24
CA PRO A 421 0.91 31.12 -13.23
C PRO A 421 0.23 29.96 -12.53
N ARG A 422 -0.58 30.23 -11.50
CA ARG A 422 -1.28 29.15 -10.81
C ARG A 422 -2.33 28.51 -11.71
N LEU A 423 -3.15 29.36 -12.32
CA LEU A 423 -4.19 28.89 -13.21
C LEU A 423 -3.58 28.09 -14.35
N ALA A 424 -2.48 28.58 -14.90
CA ALA A 424 -1.80 27.94 -16.03
C ALA A 424 -1.32 26.55 -15.67
N ALA A 425 -0.69 26.42 -14.51
CA ALA A 425 -0.15 25.17 -14.04
C ALA A 425 -1.26 24.18 -13.82
N PHE A 426 -2.39 24.64 -13.28
CA PHE A 426 -3.54 23.81 -13.01
C PHE A 426 -3.94 23.17 -14.37
N LEU A 427 -4.29 24.03 -15.33
CA LEU A 427 -4.75 23.58 -16.63
C LEU A 427 -3.79 22.60 -17.30
N ASN A 428 -2.51 22.91 -17.23
CA ASN A 428 -1.51 22.09 -17.88
C ASN A 428 -1.31 20.73 -17.24
N ASN A 429 -1.61 20.60 -15.96
CA ASN A 429 -1.36 19.36 -15.24
C ASN A 429 -2.60 18.49 -15.12
N MET A 430 -3.72 18.94 -15.67
CA MET A 430 -4.95 18.14 -15.72
C MET A 430 -5.16 17.59 -17.15
N ARG A 431 -4.08 17.39 -17.88
CA ARG A 431 -4.18 16.84 -19.21
C ARG A 431 -4.05 15.32 -19.21
N PRO A 432 -4.72 14.65 -20.18
CA PRO A 432 -4.58 13.22 -20.30
C PRO A 432 -3.15 12.89 -20.71
N ARG A 433 -2.69 11.76 -20.22
CA ARG A 433 -1.36 11.30 -20.46
C ARG A 433 -1.35 9.76 -20.49
N SER A 434 -0.25 9.21 -20.94
CA SER A 434 -0.09 7.77 -21.11
C SER A 434 0.26 7.08 -19.79
N ALA A 435 0.18 5.74 -19.81
CA ALA A 435 0.58 4.90 -18.69
C ALA A 435 2.05 5.11 -18.37
N GLU A 436 2.85 5.32 -19.39
CA GLU A 436 4.27 5.59 -19.23
C GLU A 436 4.48 6.81 -18.36
N LYS A 437 3.80 7.90 -18.73
CA LYS A 437 3.86 9.15 -17.97
C LYS A 437 3.27 8.98 -16.56
N LEU A 438 2.24 8.18 -16.42
CA LEU A 438 1.69 7.92 -15.08
C LEU A 438 2.66 7.18 -14.14
N TRP A 439 3.50 6.31 -14.70
CA TRP A 439 4.46 5.58 -13.91
C TRP A 439 5.49 6.58 -13.39
N LYS A 440 5.92 7.47 -14.27
CA LYS A 440 6.88 8.50 -13.91
C LYS A 440 6.27 9.41 -12.82
N LEU A 441 5.03 9.80 -12.98
CA LEU A 441 4.38 10.61 -11.96
C LEU A 441 4.33 9.85 -10.62
N GLN A 442 3.98 8.57 -10.65
CA GLN A 442 3.89 7.77 -9.44
CA GLN A 442 3.90 7.77 -9.43
C GLN A 442 5.23 7.70 -8.71
N HIS A 443 6.32 7.63 -9.45
CA HIS A 443 7.65 7.61 -8.87
C HIS A 443 8.03 8.98 -8.26
N GLU A 444 7.75 10.06 -8.97
CA GLU A 444 7.94 11.40 -8.41
C GLU A 444 7.18 11.57 -7.07
N ILE A 445 5.95 11.11 -7.00
CA ILE A 445 5.21 11.17 -5.73
C ILE A 445 5.93 10.40 -4.59
N GLU A 446 6.45 9.24 -4.93
CA GLU A 446 7.18 8.41 -4.00
C GLU A 446 8.48 9.11 -3.57
N MET A 447 9.21 9.72 -4.50
CA MET A 447 10.48 10.37 -4.15
CA MET A 447 10.47 10.42 -4.20
C MET A 447 10.23 11.70 -3.39
N TYR A 448 9.10 12.34 -3.65
CA TYR A 448 8.76 13.54 -2.89
C TYR A 448 8.41 13.19 -1.46
N ARG A 449 7.69 12.09 -1.31
CA ARG A 449 7.36 11.55 0.01
C ARG A 449 8.66 11.36 0.79
N GLN A 450 9.65 10.71 0.17
CA GLN A 450 10.92 10.44 0.85
C GLN A 450 11.67 11.74 1.15
N SER A 451 11.58 12.71 0.26
CA SER A 451 12.17 14.02 0.47
C SER A 451 11.64 14.67 1.74
N VAL A 452 10.33 14.76 1.87
CA VAL A 452 9.76 15.43 3.03
C VAL A 452 10.05 14.67 4.32
N ILE A 453 10.09 13.32 4.24
CA ILE A 453 10.42 12.50 5.39
C ILE A 453 11.83 12.81 5.82
N ALA A 454 12.76 12.88 4.87
CA ALA A 454 14.16 13.18 5.20
C ALA A 454 14.30 14.59 5.81
N GLN A 455 13.60 15.55 5.22
CA GLN A 455 13.53 16.93 5.74
C GLN A 455 13.08 16.93 7.20
N TRP A 456 11.97 16.25 7.44
CA TRP A 456 11.40 16.07 8.76
C TRP A 456 12.38 15.42 9.72
N LYS A 457 13.07 14.36 9.30
CA LYS A 457 14.00 13.68 10.20
C LYS A 457 15.27 14.52 10.48
N ALA A 458 15.71 15.35 9.53
CA ALA A 458 16.88 16.22 9.73
C ALA A 458 16.65 17.29 10.83
N MET A 459 15.39 17.71 11.00
CA MET A 459 15.00 18.56 12.14
C MET A 459 14.49 17.76 13.35
N ASN A 460 14.54 16.43 13.27
CA ASN A 460 14.12 15.57 14.37
C ASN A 460 12.71 15.90 14.94
N LEU A 461 11.76 16.21 14.05
CA LEU A 461 10.38 16.47 14.43
C LEU A 461 9.71 15.21 14.97
N ASP A 462 8.76 15.38 15.87
CA ASP A 462 7.80 14.33 16.21
C ASP A 462 6.51 14.52 15.45
N VAL A 463 6.03 15.77 15.40
CA VAL A 463 4.76 16.10 14.78
C VAL A 463 4.91 17.49 14.17
N LEU A 464 3.92 17.90 13.40
CA LEU A 464 3.94 19.17 12.68
C LEU A 464 2.62 19.92 12.88
N LEU A 465 2.69 21.20 13.24
CA LEU A 465 1.53 22.08 13.43
C LEU A 465 1.35 23.02 12.21
N THR A 466 0.17 23.10 11.63
CA THR A 466 -0.04 23.97 10.45
C THR A 466 -1.34 24.74 10.55
N PRO A 467 -1.48 25.80 9.74
CA PRO A 467 -2.79 26.40 9.67
C PRO A 467 -3.79 25.47 8.99
N MET A 468 -5.07 25.73 9.24
CA MET A 468 -6.14 25.02 8.55
C MET A 468 -7.11 26.04 7.97
N LEU A 469 -7.56 25.80 6.74
CA LEU A 469 -8.51 26.69 6.08
C LEU A 469 -9.72 26.99 6.98
N GLY A 470 -10.06 28.27 7.05
CA GLY A 470 -11.11 28.74 7.92
C GLY A 470 -11.03 30.25 8.00
N PRO A 471 -12.10 30.91 8.44
CA PRO A 471 -13.38 30.33 8.81
C PRO A 471 -14.12 29.83 7.57
N ALA A 472 -15.30 29.24 7.78
CA ALA A 472 -16.11 28.69 6.71
C ALA A 472 -16.37 29.69 5.57
N LEU A 473 -16.17 29.25 4.33
CA LEU A 473 -16.47 30.05 3.14
C LEU A 473 -17.98 30.14 2.88
N ASP A 474 -18.40 31.20 2.21
CA ASP A 474 -19.76 31.34 1.72
C ASP A 474 -20.18 30.16 0.83
N LEU A 475 -21.45 29.77 0.93
CA LEU A 475 -22.03 28.78 0.02
C LEU A 475 -21.69 29.09 -1.45
N ASN A 476 -21.35 28.03 -2.20
CA ASN A 476 -21.04 28.08 -3.64
C ASN A 476 -19.79 28.84 -4.03
N THR A 477 -18.87 28.99 -3.07
CA THR A 477 -17.55 29.57 -3.34
C THR A 477 -16.36 28.59 -3.25
N PRO A 478 -16.44 27.50 -2.46
CA PRO A 478 -15.33 26.57 -2.50
C PRO A 478 -14.96 26.08 -3.88
N GLY A 479 -15.95 25.85 -4.73
CA GLY A 479 -15.70 25.34 -6.08
C GLY A 479 -15.08 26.36 -7.03
N ARG A 480 -14.91 27.58 -6.54
CA ARG A 480 -14.22 28.66 -7.26
C ARG A 480 -12.99 29.15 -6.52
N ALA A 481 -12.71 28.55 -5.37
CA ALA A 481 -11.51 28.87 -4.61
C ALA A 481 -10.63 27.62 -4.52
N THR A 482 -10.27 27.05 -5.67
CA THR A 482 -9.51 25.78 -5.67
C THR A 482 -8.15 25.89 -5.00
N GLY A 483 -7.52 27.05 -5.03
CA GLY A 483 -6.21 27.20 -4.44
C GLY A 483 -6.17 26.87 -2.97
N ALA A 484 -7.29 27.14 -2.29
CA ALA A 484 -7.38 27.07 -0.83
C ALA A 484 -7.26 25.65 -0.28
N VAL A 485 -7.25 24.64 -1.17
CA VAL A 485 -7.04 23.25 -0.74
C VAL A 485 -5.56 22.99 -0.44
N SER A 486 -4.70 23.96 -0.74
CA SER A 486 -3.28 23.80 -0.46
C SER A 486 -2.95 23.26 0.94
N TYR A 487 -3.58 23.79 1.99
CA TYR A 487 -3.20 23.39 3.36
C TYR A 487 -3.46 21.92 3.68
N THR A 488 -4.54 21.36 3.14
CA THR A 488 -4.89 19.99 3.42
C THR A 488 -4.37 19.03 2.36
N MET A 489 -4.41 19.43 1.11
CA MET A 489 -4.08 18.53 0.01
C MET A 489 -2.65 18.02 0.06
N LEU A 490 -1.75 18.86 0.58
CA LEU A 490 -0.36 18.47 0.71
C LEU A 490 -0.21 17.13 1.45
N TYR A 491 -1.05 16.87 2.44
CA TYR A 491 -0.89 15.64 3.22
C TYR A 491 -1.67 14.46 2.66
N ASN A 492 -2.49 14.69 1.64
CA ASN A 492 -2.98 13.59 0.82
C ASN A 492 -1.88 13.14 -0.12
N CYS A 493 -1.22 14.10 -0.75
CA CYS A 493 -0.11 13.83 -1.65
C CYS A 493 0.95 13.02 -0.93
N LEU A 494 1.35 13.48 0.25
CA LEU A 494 2.37 12.84 1.04
C LEU A 494 1.83 11.63 1.79
N ASP A 495 0.51 11.45 1.80
CA ASP A 495 -0.13 10.40 2.61
C ASP A 495 0.44 10.32 4.06
N PHE A 496 0.28 11.43 4.79
CA PHE A 496 0.62 11.52 6.21
C PHE A 496 -0.69 11.66 6.96
N PRO A 497 -0.79 11.06 8.16
CA PRO A 497 -1.96 11.31 8.98
C PRO A 497 -2.06 12.78 9.36
N ALA A 498 -3.27 13.32 9.28
CA ALA A 498 -3.50 14.72 9.55
C ALA A 498 -4.89 14.88 10.15
N GLY A 499 -4.99 15.65 11.24
CA GLY A 499 -6.29 15.92 11.85
C GLY A 499 -6.46 17.40 12.14
N VAL A 500 -7.68 17.82 12.47
CA VAL A 500 -7.92 19.24 12.80
C VAL A 500 -8.70 19.36 14.09
N VAL A 501 -8.40 20.42 14.83
CA VAL A 501 -8.99 20.69 16.14
C VAL A 501 -9.42 22.17 16.20
N PRO A 502 -10.66 22.48 16.63
CA PRO A 502 -11.10 23.85 16.79
C PRO A 502 -10.37 24.48 17.94
N VAL A 503 -9.82 25.67 17.75
CA VAL A 503 -9.03 26.32 18.81
C VAL A 503 -9.53 27.71 19.17
N THR A 504 -10.26 28.35 18.26
CA THR A 504 -10.77 29.69 18.51
C THR A 504 -11.99 30.01 17.64
N THR A 505 -12.49 31.22 17.79
CA THR A 505 -13.58 31.71 16.96
C THR A 505 -13.20 33.08 16.40
N VAL A 506 -13.75 33.42 15.24
CA VAL A 506 -13.47 34.70 14.58
C VAL A 506 -13.96 35.90 15.42
N THR A 507 -13.04 36.84 15.67
CA THR A 507 -13.38 38.04 16.41
C THR A 507 -13.73 39.15 15.44
N ALA A 508 -14.36 40.21 15.95
CA ALA A 508 -14.67 41.39 15.16
C ALA A 508 -13.42 41.91 14.44
N GLU A 509 -12.28 41.89 15.15
CA GLU A 509 -10.99 42.34 14.62
C GLU A 509 -10.46 41.45 13.48
N ASP A 510 -10.51 40.12 13.66
CA ASP A 510 -10.11 39.17 12.61
C ASP A 510 -10.87 39.45 11.33
N ASP A 511 -12.18 39.58 11.46
CA ASP A 511 -13.07 39.77 10.30
C ASP A 511 -12.86 41.12 9.64
N ALA A 512 -12.67 42.16 10.46
CA ALA A 512 -12.39 43.49 9.92
C ALA A 512 -11.09 43.47 9.14
N GLN A 513 -10.10 42.74 9.67
CA GLN A 513 -8.76 42.69 9.04
C GLN A 513 -8.72 41.97 7.69
N MET A 514 -9.82 41.30 7.33
CA MET A 514 -9.96 40.66 6.02
C MET A 514 -10.02 41.65 4.86
N GLU A 515 -10.42 42.88 5.15
CA GLU A 515 -10.44 43.92 4.13
C GLU A 515 -9.01 44.24 3.65
N LEU A 516 -8.00 43.83 4.44
CA LEU A 516 -6.59 44.04 4.10
C LEU A 516 -5.92 42.79 3.49
N TYR A 517 -6.66 41.69 3.41
CA TYR A 517 -6.23 40.46 2.74
C TYR A 517 -5.98 40.71 1.24
N LYS A 518 -4.84 40.23 0.75
CA LYS A 518 -4.53 40.31 -0.68
C LYS A 518 -4.36 38.94 -1.34
N GLY A 519 -3.61 38.04 -0.70
CA GLY A 519 -3.31 36.77 -1.33
C GLY A 519 -2.01 36.88 -2.11
N TYR A 520 -1.29 35.78 -2.22
CA TYR A 520 0.04 35.81 -2.83
C TYR A 520 0.02 35.95 -4.34
N PHE A 521 -1.10 35.60 -4.99
CA PHE A 521 -1.14 35.53 -6.44
C PHE A 521 -1.96 36.61 -7.11
N GLY A 522 -3.08 37.00 -6.49
CA GLY A 522 -3.96 38.01 -7.08
C GLY A 522 -4.78 37.47 -8.25
N ASP A 523 -4.87 36.14 -8.35
CA ASP A 523 -5.71 35.50 -9.36
C ASP A 523 -7.12 35.31 -8.80
N ILE A 524 -8.04 34.91 -9.68
CA ILE A 524 -9.43 34.72 -9.31
C ILE A 524 -9.60 33.87 -8.02
N TRP A 525 -8.77 32.85 -7.82
CA TRP A 525 -8.86 32.03 -6.60
C TRP A 525 -8.59 32.86 -5.33
N ASP A 526 -7.58 33.72 -5.36
CA ASP A 526 -7.32 34.64 -4.24
C ASP A 526 -8.51 35.59 -4.05
N ILE A 527 -9.05 36.13 -5.14
CA ILE A 527 -10.13 37.11 -5.09
C ILE A 527 -11.43 36.52 -4.55
N ILE A 528 -11.74 35.30 -4.97
CA ILE A 528 -12.94 34.62 -4.48
C ILE A 528 -12.80 34.29 -2.99
N LEU A 529 -11.63 33.80 -2.59
CA LEU A 529 -11.40 33.43 -1.18
C LEU A 529 -11.56 34.63 -0.23
N LYS A 530 -11.05 35.78 -0.64
CA LYS A 530 -11.12 36.97 0.19
C LYS A 530 -12.58 37.33 0.49
N LYS A 531 -13.39 37.38 -0.56
CA LYS A 531 -14.80 37.66 -0.42
C LYS A 531 -15.49 36.54 0.36
N ALA A 532 -15.16 35.30 0.00
CA ALA A 532 -15.77 34.13 0.61
C ALA A 532 -15.62 34.09 2.14
N MET A 533 -14.50 34.57 2.67
CA MET A 533 -14.23 34.44 4.11
C MET A 533 -14.75 35.60 4.97
N LYS A 534 -15.26 36.66 4.35
CA LYS A 534 -15.78 37.81 5.09
C LYS A 534 -17.10 37.44 5.82
N ASN A 535 -17.55 38.33 6.70
CA ASN A 535 -18.78 38.16 7.47
C ASN A 535 -18.83 36.82 8.21
N SER A 536 -17.80 36.55 9.00
CA SER A 536 -17.62 35.26 9.66
C SER A 536 -17.44 35.35 11.19
N VAL A 537 -17.79 36.50 11.77
CA VAL A 537 -17.69 36.71 13.22
C VAL A 537 -18.44 35.61 13.95
N GLY A 538 -17.79 35.04 14.97
CA GLY A 538 -18.37 33.94 15.74
C GLY A 538 -18.13 32.53 15.20
N LEU A 539 -17.64 32.40 13.97
CA LEU A 539 -17.41 31.07 13.38
C LEU A 539 -16.12 30.44 13.90
N PRO A 540 -16.10 29.09 13.95
CA PRO A 540 -14.96 28.42 14.52
C PRO A 540 -13.78 28.38 13.56
N VAL A 541 -12.57 28.34 14.11
CA VAL A 541 -11.34 28.21 13.35
C VAL A 541 -10.40 27.19 13.97
N ALA A 542 -9.79 26.38 13.11
CA ALA A 542 -8.99 25.23 13.56
C ALA A 542 -7.50 25.40 13.23
N VAL A 543 -6.70 24.51 13.82
CA VAL A 543 -5.35 24.23 13.35
C VAL A 543 -5.30 22.77 12.90
N GLN A 544 -4.27 22.42 12.13
CA GLN A 544 -4.06 21.05 11.67
C GLN A 544 -2.85 20.40 12.35
N CYS A 545 -2.97 19.12 12.68
CA CYS A 545 -1.91 18.38 13.33
C CYS A 545 -1.51 17.21 12.43
N VAL A 546 -0.20 17.03 12.23
CA VAL A 546 0.34 16.04 11.28
C VAL A 546 1.43 15.20 11.95
N ALA A 547 1.44 13.92 11.64
CA ALA A 547 2.51 12.99 12.03
C ALA A 547 3.00 12.22 10.78
N LEU A 548 4.04 11.40 10.93
CA LEU A 548 4.55 10.62 9.80
C LEU A 548 3.59 9.47 9.47
N PRO A 549 3.81 8.77 8.34
CA PRO A 549 2.94 7.67 8.03
C PRO A 549 2.83 6.63 9.13
N TRP A 550 1.62 6.08 9.26
CA TRP A 550 1.29 5.05 10.24
C TRP A 550 1.36 5.53 11.69
N GLN A 551 1.32 6.81 11.88
CA GLN A 551 1.50 7.37 13.16
C GLN A 551 0.26 8.05 13.69
N GLU A 552 -0.89 7.44 13.46
CA GLU A 552 -2.20 8.00 13.85
C GLU A 552 -2.27 8.27 15.37
N GLU A 553 -1.65 7.41 16.16
CA GLU A 553 -1.71 7.50 17.60
C GLU A 553 -0.95 8.72 18.13
N LEU A 554 0.24 8.98 17.58
CA LEU A 554 1.01 10.19 17.90
C LEU A 554 0.28 11.45 17.42
N CYS A 555 -0.34 11.36 16.25
CA CYS A 555 -1.13 12.47 15.73
C CYS A 555 -2.24 12.84 16.72
N LEU A 556 -2.97 11.84 17.21
CA LEU A 556 -4.08 12.03 18.13
C LEU A 556 -3.61 12.51 19.51
N ARG A 557 -2.55 11.92 20.02
CA ARG A 557 -1.88 12.45 21.22
C ARG A 557 -1.69 13.96 21.15
N PHE A 558 -1.10 14.37 20.04
CA PHE A 558 -0.79 15.77 19.80
C PHE A 558 -2.08 16.60 19.70
N MET A 559 -3.05 16.10 18.96
CA MET A 559 -4.36 16.73 18.85
C MET A 559 -5.02 16.88 20.22
N ARG A 560 -4.89 15.85 21.05
CA ARG A 560 -5.37 15.86 22.42
C ARG A 560 -4.71 16.99 23.20
N GLU A 561 -3.41 17.16 23.01
CA GLU A 561 -2.66 18.21 23.69
C GLU A 561 -3.18 19.59 23.28
N VAL A 562 -3.37 19.78 21.98
CA VAL A 562 -3.85 21.06 21.48
C VAL A 562 -5.24 21.34 22.08
N GLU A 563 -6.13 20.36 21.99
CA GLU A 563 -7.47 20.47 22.54
C GLU A 563 -7.44 20.90 24.00
N GLN A 564 -6.61 20.21 24.78
CA GLN A 564 -6.49 20.48 26.21
C GLN A 564 -6.02 21.91 26.49
N LEU A 565 -5.04 22.40 25.75
CA LEU A 565 -4.48 23.74 25.98
C LEU A 565 -5.35 24.91 25.50
N MET A 566 -6.10 24.73 24.41
CA MET A 566 -6.86 25.84 23.80
C MET A 566 -8.36 25.85 24.11
N THR A 567 -8.85 24.74 24.65
CA THR A 567 -10.26 24.54 24.93
C THR A 567 -10.36 23.47 26.03
N PRO A 568 -9.82 23.78 27.24
CA PRO A 568 -9.71 22.76 28.32
C PRO A 568 -11.04 22.15 28.83
N GLN A 569 -12.17 22.85 28.63
CA GLN A 569 -13.46 22.33 29.11
C GLN A 569 -13.95 21.05 28.36
N LYS A 570 -13.25 20.67 27.30
CA LYS A 570 -13.56 19.44 26.59
C LYS A 570 -13.10 18.19 27.35
N GLN A 571 -12.07 18.36 28.17
CA GLN A 571 -11.48 17.26 28.97
C GLN A 571 -11.62 17.56 30.46
N THR B 26 22.91 0.64 -32.77
CA THR B 26 23.50 -0.67 -33.22
C THR B 26 25.03 -0.82 -32.95
N GLY B 27 25.73 0.28 -32.60
CA GLY B 27 27.15 0.21 -32.21
C GLY B 27 27.28 -0.43 -30.84
N ARG B 28 28.37 -1.16 -30.59
CA ARG B 28 28.50 -1.94 -29.34
C ARG B 28 29.79 -1.67 -28.55
N GLN B 29 30.45 -0.55 -28.81
CA GLN B 29 31.76 -0.31 -28.20
C GLN B 29 31.63 0.03 -26.72
N LYS B 30 30.66 0.86 -26.35
CA LYS B 30 30.43 1.16 -24.93
C LYS B 30 30.11 -0.11 -24.13
N ALA B 31 29.23 -0.94 -24.68
CA ALA B 31 28.86 -2.22 -24.08
C ALA B 31 30.08 -3.14 -23.85
N ARG B 32 31.00 -3.18 -24.81
CA ARG B 32 32.22 -4.01 -24.69
C ARG B 32 33.14 -3.48 -23.59
N GLY B 33 33.32 -2.16 -23.56
CA GLY B 33 34.09 -1.52 -22.51
C GLY B 33 33.58 -1.84 -21.11
N ALA B 34 32.26 -1.80 -20.94
CA ALA B 34 31.61 -2.08 -19.66
C ALA B 34 31.86 -3.54 -19.21
N ALA B 35 31.73 -4.48 -20.15
CA ALA B 35 32.00 -5.90 -19.89
C ALA B 35 33.44 -6.14 -19.45
N THR B 36 34.39 -5.48 -20.11
CA THR B 36 35.80 -5.61 -19.74
C THR B 36 36.02 -5.12 -18.30
N ARG B 37 35.49 -3.96 -17.96
CA ARG B 37 35.65 -3.42 -16.61
C ARG B 37 34.97 -4.27 -15.55
N ALA B 38 33.77 -4.78 -15.84
CA ALA B 38 33.02 -5.58 -14.90
C ALA B 38 33.69 -6.94 -14.66
N ARG B 39 34.17 -7.57 -15.73
CA ARG B 39 34.94 -8.80 -15.57
C ARG B 39 36.23 -8.58 -14.77
N GLN B 40 36.89 -7.44 -14.96
CA GLN B 40 38.10 -7.10 -14.20
C GLN B 40 37.80 -6.87 -12.70
N LYS B 41 36.69 -6.19 -12.41
CA LYS B 41 36.28 -5.95 -11.02
C LYS B 41 35.93 -7.27 -10.33
N GLN B 42 35.23 -8.14 -11.05
CA GLN B 42 34.87 -9.46 -10.52
C GLN B 42 36.12 -10.31 -10.27
N ARG B 43 37.00 -10.41 -11.27
CA ARG B 43 38.26 -11.14 -11.13
C ARG B 43 39.09 -10.65 -9.92
N ALA B 44 39.22 -9.34 -9.76
CA ALA B 44 39.94 -8.74 -8.64
C ALA B 44 39.26 -9.01 -7.29
N SER B 45 37.92 -9.02 -7.29
CA SER B 45 37.15 -9.31 -6.08
C SER B 45 37.44 -10.73 -5.63
N LEU B 46 37.37 -11.67 -6.57
CA LEU B 46 37.63 -13.07 -6.24
C LEU B 46 39.08 -13.26 -5.77
N GLU B 47 40.02 -12.56 -6.38
CA GLU B 47 41.44 -12.69 -5.99
C GLU B 47 41.63 -12.17 -4.56
N THR B 48 41.03 -11.02 -4.26
CA THR B 48 41.05 -10.45 -2.91
C THR B 48 40.48 -11.40 -1.87
N MET B 49 39.39 -12.10 -2.22
CA MET B 49 38.73 -13.03 -1.30
C MET B 49 39.65 -14.20 -1.03
N ASP B 50 40.29 -14.67 -2.09
CA ASP B 50 41.20 -15.81 -1.98
C ASP B 50 42.36 -15.49 -1.05
N LYS B 51 42.95 -14.31 -1.20
CA LYS B 51 44.08 -13.89 -0.37
C LYS B 51 43.69 -13.80 1.12
N ALA B 52 42.55 -13.16 1.41
CA ALA B 52 42.06 -13.06 2.78
C ALA B 52 41.84 -14.45 3.39
N VAL B 53 41.20 -15.34 2.63
CA VAL B 53 40.96 -16.71 3.07
C VAL B 53 42.27 -17.45 3.35
N GLN B 54 43.23 -17.39 2.43
CA GLN B 54 44.54 -18.05 2.64
C GLN B 54 45.25 -17.51 3.88
N ARG B 55 45.17 -16.20 4.06
CA ARG B 55 45.77 -15.52 5.22
C ARG B 55 45.14 -16.01 6.53
N PHE B 56 43.80 -16.10 6.56
CA PHE B 56 43.11 -16.57 7.74
C PHE B 56 43.41 -18.03 8.04
N ARG B 57 43.42 -18.86 6.98
CA ARG B 57 43.64 -20.31 7.14
C ARG B 57 45.01 -20.66 7.70
N LEU B 58 46.06 -20.05 7.17
CA LEU B 58 47.42 -20.24 7.68
C LEU B 58 47.46 -20.02 9.20
N GLN B 59 46.73 -19.02 9.68
CA GLN B 59 46.73 -18.65 11.09
C GLN B 59 45.71 -19.39 11.96
N ASN B 60 44.75 -20.08 11.34
CA ASN B 60 43.82 -20.91 12.09
C ASN B 60 43.66 -22.28 11.42
N PRO B 61 44.74 -23.09 11.42
CA PRO B 61 44.74 -24.39 10.74
C PRO B 61 43.98 -25.49 11.50
N ASP B 62 43.70 -25.27 12.79
CA ASP B 62 43.00 -26.26 13.62
C ASP B 62 41.49 -25.96 13.72
N LEU B 63 40.98 -25.14 12.81
CA LEU B 63 39.56 -24.84 12.79
C LEU B 63 38.84 -25.96 12.03
N ASP B 64 37.86 -26.57 12.67
CA ASP B 64 37.01 -27.57 12.02
C ASP B 64 35.94 -26.82 11.21
N SER B 65 36.31 -26.46 9.97
CA SER B 65 35.49 -25.56 9.15
C SER B 65 34.22 -26.23 8.59
N GLU B 66 34.29 -27.54 8.33
CA GLU B 66 33.14 -28.32 7.87
C GLU B 66 32.04 -28.29 8.93
N ALA B 67 32.43 -28.50 10.19
CA ALA B 67 31.49 -28.50 11.32
C ALA B 67 30.78 -27.16 11.40
N LEU B 68 31.54 -26.08 11.19
CA LEU B 68 31.00 -24.72 11.17
C LEU B 68 30.09 -24.48 9.98
N LEU B 69 30.54 -24.90 8.80
CA LEU B 69 29.77 -24.65 7.57
C LEU B 69 28.44 -25.41 7.57
N THR B 70 28.39 -26.57 8.25
CA THR B 70 27.16 -27.36 8.27
C THR B 70 26.22 -27.07 9.45
N LEU B 71 26.66 -26.23 10.40
CA LEU B 71 25.77 -25.74 11.47
C LEU B 71 24.57 -25.02 10.89
N PRO B 72 23.35 -25.48 11.20
CA PRO B 72 22.18 -24.65 10.92
C PRO B 72 22.33 -23.21 11.45
N LEU B 73 21.78 -22.24 10.74
CA LEU B 73 21.95 -20.82 11.09
C LEU B 73 21.61 -20.51 12.55
N LEU B 74 20.45 -20.97 13.04
CA LEU B 74 20.08 -20.78 14.45
C LEU B 74 21.18 -21.18 15.45
N GLN B 75 21.84 -22.30 15.19
CA GLN B 75 22.93 -22.78 16.05
C GLN B 75 24.21 -21.97 15.83
N LEU B 76 24.41 -21.50 14.61
CA LEU B 76 25.53 -20.59 14.30
C LEU B 76 25.35 -19.28 15.07
N VAL B 77 24.15 -18.69 14.97
CA VAL B 77 23.83 -17.45 15.69
C VAL B 77 24.12 -17.62 17.19
N GLN B 78 23.63 -18.73 17.73
CA GLN B 78 23.76 -19.04 19.16
C GLN B 78 25.22 -19.12 19.56
N LYS B 79 26.05 -19.81 18.77
CA LYS B 79 27.48 -19.91 19.06
C LYS B 79 28.22 -18.57 18.91
N LEU B 80 27.83 -17.76 17.93
CA LEU B 80 28.38 -16.39 17.83
C LEU B 80 28.01 -15.56 19.06
N GLN B 81 26.77 -15.73 19.53
CA GLN B 81 26.25 -14.94 20.64
C GLN B 81 26.93 -15.29 21.96
N SER B 82 27.30 -16.55 22.15
CA SER B 82 28.04 -16.96 23.36
C SER B 82 29.56 -16.72 23.31
N GLY B 83 30.08 -16.31 22.14
CA GLY B 83 31.53 -16.15 21.97
C GLY B 83 32.26 -17.46 21.70
N GLU B 84 31.50 -18.54 21.51
CA GLU B 84 32.07 -19.86 21.28
C GLU B 84 32.76 -19.93 19.91
N LEU B 85 32.08 -19.37 18.90
CA LEU B 85 32.66 -19.13 17.59
C LEU B 85 32.84 -17.62 17.45
N SER B 86 34.01 -17.20 16.98
CA SER B 86 34.29 -15.79 16.71
C SER B 86 33.73 -15.35 15.35
N PRO B 87 33.36 -14.07 15.22
CA PRO B 87 32.88 -13.59 13.92
C PRO B 87 33.91 -13.73 12.81
N GLU B 88 35.19 -13.58 13.16
CA GLU B 88 36.28 -13.77 12.21
C GLU B 88 36.24 -15.17 11.58
N ALA B 89 36.11 -16.18 12.44
CA ALA B 89 36.18 -17.56 12.00
C ALA B 89 34.99 -17.91 11.13
N VAL B 90 33.81 -17.45 11.52
CA VAL B 90 32.61 -17.70 10.75
C VAL B 90 32.68 -16.99 9.38
N PHE B 91 33.18 -15.76 9.39
CA PHE B 91 33.25 -14.96 8.16
C PHE B 91 34.20 -15.54 7.12
N PHE B 92 35.46 -15.73 7.49
CA PHE B 92 36.50 -16.22 6.56
C PHE B 92 36.31 -17.67 6.15
N THR B 93 35.68 -18.47 7.02
CA THR B 93 35.30 -19.85 6.67
C THR B 93 34.19 -19.82 5.62
N TYR B 94 33.22 -18.92 5.78
CA TYR B 94 32.18 -18.77 4.75
C TYR B 94 32.72 -18.09 3.49
N LEU B 95 33.63 -17.12 3.65
CA LEU B 95 34.27 -16.50 2.49
C LEU B 95 35.00 -17.56 1.63
N GLY B 96 35.66 -18.50 2.31
CA GLY B 96 36.43 -19.55 1.63
C GLY B 96 35.51 -20.43 0.80
N LYS B 97 34.36 -20.77 1.38
CA LYS B 97 33.42 -21.69 0.77
C LYS B 97 32.74 -21.00 -0.40
N ALA B 98 32.40 -19.72 -0.22
CA ALA B 98 31.81 -18.90 -1.30
C ALA B 98 32.73 -18.91 -2.52
N TRP B 99 34.00 -18.62 -2.30
CA TRP B 99 35.00 -18.62 -3.39
C TRP B 99 35.13 -19.97 -4.09
N GLU B 100 35.07 -21.07 -3.32
CA GLU B 100 35.17 -22.42 -3.88
C GLU B 100 33.97 -22.81 -4.74
N VAL B 101 32.77 -22.60 -4.23
CA VAL B 101 31.57 -23.02 -4.94
C VAL B 101 31.30 -22.07 -6.10
N ASN B 102 31.83 -20.85 -6.03
CA ASN B 102 31.74 -19.93 -7.16
C ASN B 102 32.47 -20.45 -8.41
N LYS B 103 33.47 -21.30 -8.22
CA LYS B 103 34.22 -21.84 -9.37
C LYS B 103 33.34 -22.69 -10.29
N GLY B 104 32.41 -23.44 -9.71
CA GLY B 104 31.51 -24.25 -10.50
C GLY B 104 30.21 -23.57 -10.87
N THR B 105 29.94 -22.40 -10.29
CA THR B 105 28.63 -21.75 -10.46
C THR B 105 28.63 -20.33 -11.08
N ASN B 106 29.70 -19.56 -10.93
CA ASN B 106 29.74 -18.13 -11.36
C ASN B 106 28.56 -17.37 -10.74
N CYS B 107 28.45 -17.47 -9.42
CA CYS B 107 27.33 -16.85 -8.70
C CYS B 107 27.67 -15.50 -8.09
N VAL B 108 28.96 -15.24 -7.88
CA VAL B 108 29.40 -14.02 -7.20
C VAL B 108 29.91 -12.97 -8.19
N THR B 109 29.31 -11.77 -8.20
CA THR B 109 29.77 -10.72 -9.10
C THR B 109 30.80 -9.81 -8.45
N SER B 110 30.75 -9.68 -7.12
CA SER B 110 31.56 -8.69 -6.41
C SER B 110 31.72 -9.01 -4.93
N TYR B 111 32.90 -8.71 -4.39
CA TYR B 111 33.20 -8.81 -2.97
C TYR B 111 32.93 -7.45 -2.33
N LEU B 112 32.01 -7.38 -1.38
CA LEU B 112 31.62 -6.11 -0.76
C LEU B 112 32.78 -5.70 0.17
N THR B 113 33.59 -4.76 -0.31
CA THR B 113 34.97 -4.64 0.08
C THR B 113 35.22 -4.22 1.52
N ASP B 114 34.38 -3.30 2.00
CA ASP B 114 34.50 -2.81 3.37
C ASP B 114 33.89 -3.73 4.44
N CYS B 115 33.53 -4.95 4.06
CA CYS B 115 32.88 -5.87 5.00
C CYS B 115 33.82 -6.37 6.11
N GLU B 116 35.13 -6.26 5.90
CA GLU B 116 36.09 -6.65 6.94
C GLU B 116 36.08 -5.71 8.14
N THR B 117 35.99 -4.41 7.90
CA THR B 117 35.88 -3.42 9.00
C THR B 117 34.48 -3.47 9.65
N GLN B 118 33.47 -3.87 8.89
CA GLN B 118 32.11 -4.07 9.40
C GLN B 118 32.03 -5.24 10.39
N LEU B 119 32.77 -6.31 10.08
CA LEU B 119 32.89 -7.49 10.96
C LEU B 119 33.33 -7.12 12.38
N SER B 120 34.32 -6.25 12.50
CA SER B 120 34.82 -5.83 13.81
C SER B 120 33.91 -4.78 14.49
N GLN B 121 32.93 -4.24 13.76
CA GLN B 121 32.02 -3.20 14.29
C GLN B 121 30.54 -3.65 14.40
N ALA B 122 30.26 -4.87 13.98
CA ALA B 122 28.94 -5.48 14.14
C ALA B 122 28.45 -5.29 15.59
N PRO B 123 27.27 -4.64 15.77
CA PRO B 123 26.70 -4.53 17.13
C PRO B 123 26.49 -5.89 17.81
N ARG B 124 27.02 -6.02 19.03
CA ARG B 124 27.08 -7.30 19.74
C ARG B 124 25.73 -7.90 20.13
N GLN B 125 24.72 -7.04 20.28
CA GLN B 125 23.39 -7.50 20.67
C GLN B 125 22.44 -7.64 19.49
N GLY B 126 22.98 -7.56 18.27
CA GLY B 126 22.15 -7.70 17.09
C GLY B 126 21.64 -9.12 16.95
N LEU B 127 20.43 -9.28 16.43
CA LEU B 127 19.86 -10.62 16.30
C LEU B 127 20.61 -11.44 15.24
N LEU B 128 21.41 -10.78 14.42
CA LEU B 128 22.23 -11.49 13.46
C LEU B 128 23.74 -11.25 13.62
N TYR B 129 24.17 -10.97 14.85
CA TYR B 129 25.60 -10.72 15.13
C TYR B 129 26.54 -11.75 14.50
N GLY B 130 27.44 -11.23 13.66
CA GLY B 130 28.46 -12.06 13.01
C GLY B 130 28.01 -12.98 11.90
N VAL B 131 26.76 -12.85 11.43
CA VAL B 131 26.23 -13.75 10.38
C VAL B 131 26.57 -13.18 9.00
N PRO B 132 27.29 -13.95 8.16
CA PRO B 132 27.57 -13.44 6.82
C PRO B 132 26.35 -13.54 5.91
N VAL B 133 26.05 -12.47 5.17
CA VAL B 133 24.86 -12.43 4.32
C VAL B 133 25.20 -12.05 2.89
N SER B 134 24.63 -12.78 1.93
CA SER B 134 24.84 -12.54 0.52
C SER B 134 23.70 -11.70 -0.02
N LEU B 135 23.98 -10.73 -0.90
CA LEU B 135 22.95 -9.83 -1.43
C LEU B 135 22.82 -9.95 -2.94
N LYS B 136 21.60 -10.11 -3.42
CA LYS B 136 21.35 -10.06 -4.87
C LYS B 136 21.88 -8.69 -5.32
N GLU B 137 22.42 -8.63 -6.52
CA GLU B 137 23.15 -7.45 -6.97
C GLU B 137 22.36 -6.12 -6.93
N CYS B 138 21.04 -6.20 -6.99
CA CYS B 138 20.18 -4.99 -6.99
C CYS B 138 20.04 -4.27 -5.65
N PHE B 139 20.38 -4.94 -4.54
CA PHE B 139 20.46 -4.28 -3.24
C PHE B 139 21.65 -3.33 -3.20
N SER B 140 21.38 -2.03 -3.30
CA SER B 140 22.42 -1.04 -3.32
C SER B 140 23.29 -1.18 -2.10
N TYR B 141 24.61 -1.11 -2.35
CA TYR B 141 25.64 -1.17 -1.34
C TYR B 141 26.66 -0.11 -1.70
N LYS B 142 27.00 0.72 -0.72
CA LYS B 142 27.88 1.88 -0.90
C LYS B 142 29.21 1.50 -1.53
N GLY B 143 29.64 2.28 -2.52
CA GLY B 143 30.88 2.04 -3.28
C GLY B 143 30.79 1.01 -4.41
N HIS B 144 29.63 0.39 -4.62
CA HIS B 144 29.50 -0.70 -5.61
C HIS B 144 28.39 -0.49 -6.62
N ASP B 145 28.65 -0.88 -7.87
CA ASP B 145 27.61 -0.86 -8.91
C ASP B 145 26.48 -1.79 -8.57
N SER B 146 25.28 -1.45 -9.03
CA SER B 146 24.20 -2.43 -9.13
C SER B 146 23.86 -2.42 -10.61
N THR B 147 24.62 -3.21 -11.38
CA THR B 147 24.55 -3.13 -12.83
C THR B 147 23.25 -3.69 -13.40
N LEU B 148 22.75 -4.76 -12.79
CA LEU B 148 21.65 -5.59 -13.31
C LEU B 148 22.04 -6.23 -14.65
N GLY B 149 23.34 -6.40 -14.87
CA GLY B 149 23.83 -6.94 -16.13
C GLY B 149 23.79 -5.96 -17.29
N LEU B 150 23.42 -4.72 -17.01
CA LEU B 150 23.26 -3.71 -18.08
C LEU B 150 24.44 -2.74 -18.14
N SER B 151 24.97 -2.56 -19.35
CA SER B 151 26.08 -1.66 -19.57
C SER B 151 25.84 -0.26 -19.06
N LEU B 152 24.59 0.22 -19.14
CA LEU B 152 24.30 1.61 -18.77
C LEU B 152 24.46 1.89 -17.28
N ASN B 153 24.46 0.83 -16.45
CA ASN B 153 24.66 0.98 -15.00
C ASN B 153 26.05 0.58 -14.49
N GLU B 154 26.99 0.41 -15.41
CA GLU B 154 28.37 0.08 -15.06
C GLU B 154 29.11 1.37 -14.78
N GLY B 155 30.00 1.36 -13.79
CA GLY B 155 30.75 2.58 -13.41
C GLY B 155 29.88 3.65 -12.76
N MET B 156 28.82 3.24 -12.05
CA MET B 156 27.88 4.15 -11.39
C MET B 156 27.59 3.65 -9.97
N PRO B 157 28.60 3.73 -9.09
CA PRO B 157 28.49 3.09 -7.78
C PRO B 157 27.41 3.73 -6.88
N SER B 158 26.70 2.92 -6.09
CA SER B 158 25.75 3.48 -5.11
C SER B 158 26.51 4.38 -4.15
N GLU B 159 25.84 5.43 -3.68
CA GLU B 159 26.42 6.35 -2.70
C GLU B 159 25.88 6.10 -1.31
N SER B 160 24.98 5.14 -1.16
CA SER B 160 24.60 4.66 0.16
C SER B 160 24.08 3.23 0.10
N ASP B 161 24.16 2.52 1.22
CA ASP B 161 23.46 1.25 1.39
C ASP B 161 21.94 1.47 1.32
N CYS B 162 21.21 0.57 0.66
CA CYS B 162 19.76 0.58 0.70
C CYS B 162 19.25 0.27 2.12
N VAL B 163 17.98 0.56 2.39
CA VAL B 163 17.45 0.49 3.74
C VAL B 163 17.63 -0.89 4.41
N VAL B 164 17.29 -1.97 3.72
CA VAL B 164 17.38 -3.29 4.33
C VAL B 164 18.83 -3.70 4.63
N VAL B 165 19.78 -3.19 3.85
CA VAL B 165 21.21 -3.46 4.14
C VAL B 165 21.62 -2.73 5.42
N GLN B 166 21.19 -1.48 5.56
CA GLN B 166 21.43 -0.73 6.78
C GLN B 166 20.90 -1.46 8.01
N VAL B 167 19.70 -2.04 7.89
CA VAL B 167 19.07 -2.77 9.01
C VAL B 167 19.82 -4.08 9.32
N LEU B 168 20.19 -4.81 8.28
CA LEU B 168 21.01 -6.01 8.45
C LEU B 168 22.28 -5.69 9.24
N LYS B 169 22.95 -4.60 8.88
CA LYS B 169 24.14 -4.17 9.60
C LYS B 169 23.84 -3.69 11.02
N LEU B 170 22.71 -3.02 11.22
CA LEU B 170 22.36 -2.60 12.57
C LEU B 170 22.10 -3.84 13.44
N GLN B 171 21.62 -4.91 12.83
CA GLN B 171 21.42 -6.19 13.54
C GLN B 171 22.69 -7.06 13.63
N GLY B 172 23.84 -6.52 13.24
CA GLY B 172 25.13 -7.22 13.40
C GLY B 172 25.50 -8.18 12.27
N ALA B 173 24.64 -8.29 11.25
CA ALA B 173 24.98 -9.08 10.05
C ALA B 173 26.13 -8.44 9.27
N VAL B 174 26.78 -9.23 8.42
CA VAL B 174 27.91 -8.80 7.60
C VAL B 174 27.66 -9.19 6.14
N PRO B 175 27.00 -8.29 5.39
CA PRO B 175 26.85 -8.46 3.96
C PRO B 175 28.21 -8.59 3.35
N PHE B 176 28.45 -9.62 2.52
CA PHE B 176 29.80 -9.90 2.03
C PHE B 176 29.98 -10.06 0.52
N VAL B 177 28.91 -10.41 -0.19
CA VAL B 177 28.99 -10.52 -1.64
C VAL B 177 27.72 -10.06 -2.29
N HIS B 178 27.90 -9.53 -3.49
CA HIS B 178 26.81 -9.33 -4.42
C HIS B 178 26.75 -10.56 -5.30
N THR B 179 25.53 -11.02 -5.56
CA THR B 179 25.33 -12.21 -6.40
C THR B 179 24.59 -11.92 -7.71
N ASN B 180 24.86 -12.75 -8.71
CA ASN B 180 24.53 -12.49 -10.10
C ASN B 180 23.03 -12.56 -10.40
N VAL B 181 22.63 -11.86 -11.46
CA VAL B 181 21.25 -11.80 -11.88
C VAL B 181 21.18 -11.87 -13.40
N PRO B 182 20.04 -12.34 -13.95
CA PRO B 182 19.92 -12.23 -15.41
C PRO B 182 19.83 -10.77 -15.80
N GLN B 183 20.26 -10.46 -17.01
CA GLN B 183 20.21 -9.12 -17.57
C GLN B 183 18.84 -8.46 -17.37
N SER B 184 18.83 -7.37 -16.60
CA SER B 184 17.64 -6.55 -16.32
C SER B 184 16.77 -7.13 -15.22
N MET B 185 17.04 -8.37 -14.81
CA MET B 185 16.24 -9.13 -13.82
C MET B 185 14.87 -9.60 -14.33
N PHE B 186 14.49 -9.25 -15.56
CA PHE B 186 13.18 -9.65 -16.10
C PHE B 186 13.21 -11.04 -16.76
N SER B 187 13.37 -12.05 -15.91
CA SER B 187 13.74 -13.37 -16.37
C SER B 187 13.66 -14.28 -15.16
N TYR B 188 13.51 -15.59 -15.38
CA TYR B 188 13.83 -16.55 -14.31
C TYR B 188 15.00 -17.47 -14.65
N ASP B 189 15.89 -16.98 -15.51
CA ASP B 189 17.19 -17.59 -15.75
C ASP B 189 18.22 -16.69 -15.05
N CYS B 190 19.51 -16.86 -15.33
CA CYS B 190 20.52 -16.08 -14.62
C CYS B 190 21.81 -15.82 -15.43
N SER B 191 21.69 -15.12 -16.54
CA SER B 191 22.85 -14.73 -17.33
C SER B 191 22.74 -13.29 -17.79
N ASN B 192 23.90 -12.63 -17.90
CA ASN B 192 23.99 -11.29 -18.48
C ASN B 192 25.33 -11.14 -19.22
N PRO B 193 25.47 -10.12 -20.07
CA PRO B 193 26.71 -9.99 -20.83
C PRO B 193 27.93 -9.44 -20.06
N LEU B 194 27.71 -8.98 -18.82
CA LEU B 194 28.82 -8.46 -18.00
C LEU B 194 29.52 -9.55 -17.22
N PHE B 195 28.78 -10.28 -16.40
CA PHE B 195 29.35 -11.34 -15.58
C PHE B 195 29.11 -12.74 -16.15
N GLY B 196 28.31 -12.84 -17.21
CA GLY B 196 28.04 -14.13 -17.83
C GLY B 196 26.99 -14.93 -17.09
N GLN B 197 27.09 -16.25 -17.20
CA GLN B 197 26.00 -17.16 -16.82
C GLN B 197 26.25 -17.84 -15.49
N THR B 198 25.25 -17.82 -14.61
CA THR B 198 25.29 -18.60 -13.38
C THR B 198 24.69 -19.97 -13.65
N MET B 199 25.26 -21.01 -13.02
CA MET B 199 24.85 -22.40 -13.25
C MET B 199 24.31 -23.04 -11.98
N ASN B 200 23.33 -23.92 -12.13
CA ASN B 200 22.79 -24.66 -10.98
C ASN B 200 23.90 -25.53 -10.36
N PRO B 201 24.08 -25.49 -9.03
CA PRO B 201 25.17 -26.27 -8.38
C PRO B 201 24.92 -27.79 -8.38
N TRP B 202 23.68 -28.20 -8.56
CA TRP B 202 23.34 -29.61 -8.64
C TRP B 202 23.66 -30.23 -10.00
N LYS B 203 23.66 -29.41 -11.04
CA LYS B 203 23.94 -29.88 -12.37
C LYS B 203 24.17 -28.70 -13.29
N SER B 204 25.35 -28.69 -13.92
CA SER B 204 25.81 -27.51 -14.65
C SER B 204 25.07 -27.26 -15.99
N SER B 205 24.37 -28.25 -16.53
CA SER B 205 23.52 -28.00 -17.70
C SER B 205 22.24 -27.22 -17.33
N LYS B 206 21.97 -27.05 -16.04
CA LYS B 206 20.71 -26.50 -15.57
C LYS B 206 20.78 -25.04 -15.09
N SER B 207 19.71 -24.31 -15.32
CA SER B 207 19.59 -22.95 -14.79
C SER B 207 19.42 -23.03 -13.27
N PRO B 208 20.07 -22.12 -12.53
CA PRO B 208 19.84 -22.04 -11.08
C PRO B 208 18.54 -21.34 -10.74
N GLY B 209 17.80 -20.91 -11.76
CA GLY B 209 16.60 -20.10 -11.59
C GLY B 209 16.99 -18.65 -11.52
N GLY B 210 16.03 -17.78 -11.25
CA GLY B 210 16.28 -16.36 -11.17
C GLY B 210 14.99 -15.57 -11.05
N SER B 211 15.07 -14.24 -10.99
CA SER B 211 16.29 -13.49 -11.13
C SER B 211 17.25 -13.53 -9.93
N SER B 212 16.83 -14.04 -8.77
CA SER B 212 17.77 -14.16 -7.65
C SER B 212 18.63 -15.46 -7.76
N GLY B 213 19.14 -15.74 -8.95
CA GLY B 213 19.86 -17.01 -9.19
C GLY B 213 21.22 -17.15 -8.52
N GLY B 214 21.98 -16.07 -8.48
CA GLY B 214 23.24 -16.06 -7.73
C GLY B 214 23.05 -16.53 -6.30
N GLU B 215 22.05 -15.97 -5.63
CA GLU B 215 21.73 -16.37 -4.27
C GLU B 215 21.43 -17.85 -4.15
N GLY B 216 20.58 -18.33 -5.05
CA GLY B 216 20.21 -19.73 -5.05
C GLY B 216 21.40 -20.65 -5.22
N ALA B 217 22.24 -20.35 -6.20
CA ALA B 217 23.42 -21.16 -6.46
C ALA B 217 24.38 -21.12 -5.27
N LEU B 218 24.57 -19.93 -4.71
CA LEU B 218 25.50 -19.73 -3.62
C LEU B 218 25.00 -20.39 -2.33
N ILE B 219 23.74 -20.14 -1.96
CA ILE B 219 23.16 -20.71 -0.75
C ILE B 219 22.94 -22.21 -0.91
N GLY B 220 22.48 -22.63 -2.08
CA GLY B 220 22.30 -24.04 -2.39
C GLY B 220 23.54 -24.93 -2.36
N SER B 221 24.73 -24.36 -2.46
CA SER B 221 25.97 -25.16 -2.35
C SER B 221 26.75 -24.96 -1.04
N GLY B 222 26.19 -24.23 -0.07
CA GLY B 222 26.83 -24.06 1.23
C GLY B 222 27.64 -22.80 1.39
N GLY B 223 27.61 -21.91 0.39
CA GLY B 223 28.45 -20.71 0.33
C GLY B 223 28.00 -19.50 1.16
N SER B 224 26.78 -19.53 1.64
CA SER B 224 26.24 -18.44 2.45
C SER B 224 25.04 -18.97 3.23
N PRO B 225 24.95 -18.64 4.51
CA PRO B 225 23.84 -19.15 5.34
C PRO B 225 22.52 -18.39 5.15
N LEU B 226 22.57 -17.23 4.49
CA LEU B 226 21.38 -16.38 4.38
C LEU B 226 21.59 -15.31 3.30
N GLY B 227 20.58 -15.10 2.46
CA GLY B 227 20.64 -14.05 1.46
C GLY B 227 19.33 -13.30 1.33
N LEU B 228 19.36 -12.19 0.61
CA LEU B 228 18.17 -11.44 0.24
C LEU B 228 18.05 -11.42 -1.26
N GLY B 229 16.83 -11.60 -1.73
CA GLY B 229 16.46 -11.48 -3.14
C GLY B 229 15.17 -10.67 -3.30
N THR B 230 14.66 -10.66 -4.53
CA THR B 230 13.44 -9.93 -4.86
C THR B 230 12.59 -10.76 -5.81
N ASP B 231 11.32 -10.44 -5.85
CA ASP B 231 10.34 -11.33 -6.49
C ASP B 231 9.21 -10.45 -6.97
N ILE B 232 9.08 -10.33 -8.28
CA ILE B 232 7.94 -9.63 -8.89
C ILE B 232 7.07 -10.60 -9.74
N GLY B 233 7.62 -11.74 -10.14
CA GLY B 233 6.86 -12.80 -10.85
C GLY B 233 7.27 -14.21 -10.46
N GLY B 234 8.04 -14.33 -9.37
CA GLY B 234 8.58 -15.60 -8.90
C GLY B 234 10.07 -15.64 -8.52
N SER B 235 10.74 -14.49 -8.56
CA SER B 235 12.20 -14.45 -8.55
C SER B 235 12.95 -14.73 -7.24
N ILE B 236 12.24 -14.93 -6.13
CA ILE B 236 12.83 -15.58 -4.95
C ILE B 236 12.55 -17.08 -4.98
N ARG B 237 11.39 -17.43 -5.52
CA ARG B 237 10.84 -18.77 -5.44
C ARG B 237 11.42 -19.71 -6.52
N PHE B 238 11.58 -19.22 -7.74
CA PHE B 238 12.24 -20.03 -8.76
C PHE B 238 13.66 -20.49 -8.33
N PRO B 239 14.53 -19.55 -7.92
CA PRO B 239 15.87 -20.03 -7.57
C PRO B 239 15.95 -20.88 -6.31
N SER B 240 15.09 -20.61 -5.34
CA SER B 240 15.01 -21.46 -4.15
C SER B 240 14.61 -22.90 -4.52
N ALA B 241 13.56 -23.03 -5.31
CA ALA B 241 13.06 -24.35 -5.74
C ALA B 241 14.07 -25.07 -6.62
N PHE B 242 14.64 -24.37 -7.60
CA PHE B 242 15.62 -24.99 -8.51
C PHE B 242 16.91 -25.43 -7.83
N CYS B 243 17.33 -24.69 -6.79
CA CYS B 243 18.59 -24.99 -6.11
C CYS B 243 18.38 -25.70 -4.77
N GLY B 244 17.13 -25.99 -4.41
CA GLY B 244 16.87 -26.83 -3.24
C GLY B 244 17.07 -26.12 -1.91
N ILE B 245 16.64 -24.86 -1.83
CA ILE B 245 16.70 -24.12 -0.57
C ILE B 245 15.36 -23.48 -0.30
N CYS B 246 15.21 -22.81 0.85
CA CYS B 246 13.96 -22.16 1.23
C CYS B 246 13.99 -20.68 0.90
N GLY B 247 12.83 -20.16 0.51
CA GLY B 247 12.69 -18.77 0.14
C GLY B 247 11.31 -18.31 0.53
N LEU B 248 11.20 -17.02 0.91
CA LEU B 248 9.88 -16.40 1.18
C LEU B 248 9.76 -15.07 0.46
N LYS B 249 8.64 -14.89 -0.27
CA LYS B 249 8.26 -13.59 -0.81
C LYS B 249 7.13 -12.98 0.06
N PRO B 250 7.47 -12.00 0.91
CA PRO B 250 6.41 -11.36 1.66
C PRO B 250 5.44 -10.56 0.81
N THR B 251 4.44 -10.04 1.51
CA THR B 251 3.59 -9.01 0.99
C THR B 251 4.48 -7.86 0.57
N GLY B 252 4.13 -7.24 -0.55
CA GLY B 252 4.96 -6.22 -1.16
C GLY B 252 5.52 -5.18 -0.22
N ASN B 253 4.66 -4.57 0.59
CA ASN B 253 5.11 -3.48 1.46
C ASN B 253 5.40 -3.90 2.90
N ARG B 254 5.78 -5.15 3.14
CA ARG B 254 6.18 -5.60 4.49
C ARG B 254 7.61 -5.14 4.82
N LEU B 255 8.46 -5.11 3.79
CA LEU B 255 9.84 -4.71 3.91
C LEU B 255 10.05 -3.48 3.02
N SER B 256 11.04 -2.67 3.35
CA SER B 256 11.35 -1.46 2.60
C SER B 256 12.08 -1.75 1.33
N LYS B 257 11.61 -1.15 0.23
CA LYS B 257 12.29 -1.24 -1.06
C LYS B 257 13.15 -0.01 -1.33
N SER B 258 13.29 0.83 -0.32
CA SER B 258 14.06 2.04 -0.48
C SER B 258 15.49 1.67 -0.83
N GLY B 259 16.00 2.27 -1.90
CA GLY B 259 17.36 2.08 -2.33
C GLY B 259 17.60 0.89 -3.25
N LEU B 260 16.56 0.15 -3.59
CA LEU B 260 16.71 -0.97 -4.54
C LEU B 260 16.85 -0.46 -5.97
N LYS B 261 17.77 -1.04 -6.71
CA LYS B 261 18.00 -0.72 -8.10
C LYS B 261 17.03 -1.52 -8.95
N GLY B 262 16.45 -0.86 -9.95
CA GLY B 262 15.52 -1.49 -10.90
C GLY B 262 15.65 -0.89 -12.29
N CYS B 263 14.82 -1.38 -13.21
CA CYS B 263 14.81 -0.93 -14.61
C CYS B 263 13.66 0.03 -14.90
N VAL B 264 12.56 -0.22 -14.22
CA VAL B 264 11.33 0.53 -14.39
C VAL B 264 10.89 1.00 -13.01
N TYR B 265 10.58 2.28 -12.91
CA TYR B 265 10.14 2.84 -11.65
C TYR B 265 8.73 3.41 -11.78
N GLY B 266 7.95 3.23 -10.71
CA GLY B 266 6.61 3.79 -10.59
C GLY B 266 5.51 2.87 -11.07
N GLN B 267 5.86 1.64 -11.42
CA GLN B 267 4.87 0.63 -11.79
C GLN B 267 4.39 -0.03 -10.51
N THR B 268 3.12 0.17 -10.16
CA THR B 268 2.60 -0.25 -8.85
C THR B 268 1.42 -1.23 -8.92
N ALA B 269 0.95 -1.54 -10.13
CA ALA B 269 -0.10 -2.54 -10.28
C ALA B 269 0.32 -3.94 -9.77
N VAL B 270 1.52 -4.39 -10.13
CA VAL B 270 2.08 -5.66 -9.68
C VAL B 270 3.33 -5.34 -8.86
N GLN B 271 3.20 -5.45 -7.53
CA GLN B 271 4.23 -5.02 -6.59
C GLN B 271 5.48 -5.87 -6.65
N LEU B 272 6.60 -5.21 -6.54
CA LEU B 272 7.86 -5.87 -6.21
C LEU B 272 7.86 -6.24 -4.75
N SER B 273 8.41 -7.40 -4.43
CA SER B 273 8.63 -7.76 -3.04
C SER B 273 10.06 -8.30 -2.79
N LEU B 274 10.65 -7.95 -1.66
CA LEU B 274 11.95 -8.51 -1.29
C LEU B 274 11.81 -9.44 -0.10
N GLY B 275 12.73 -10.38 0.04
CA GLY B 275 12.62 -11.36 1.12
C GLY B 275 13.81 -12.29 1.22
N PRO B 276 13.81 -13.14 2.27
CA PRO B 276 14.95 -14.02 2.54
C PRO B 276 15.00 -15.32 1.76
N MET B 277 16.23 -15.78 1.53
CA MET B 277 16.53 -17.10 1.03
C MET B 277 17.55 -17.71 1.98
N ALA B 278 17.37 -18.98 2.30
CA ALA B 278 18.22 -19.63 3.30
C ALA B 278 18.07 -21.16 3.21
N ARG B 279 18.83 -21.90 4.03
CA ARG B 279 18.79 -23.37 3.95
C ARG B 279 17.67 -24.05 4.75
N ASP B 280 16.94 -23.31 5.55
CA ASP B 280 15.85 -23.86 6.32
C ASP B 280 14.87 -22.76 6.68
N VAL B 281 13.67 -23.15 7.12
CA VAL B 281 12.60 -22.18 7.32
C VAL B 281 12.93 -21.28 8.51
N GLU B 282 13.43 -21.88 9.58
CA GLU B 282 13.80 -21.10 10.76
C GLU B 282 14.70 -19.90 10.39
N SER B 283 15.60 -20.09 9.43
CA SER B 283 16.48 -19.02 8.95
C SER B 283 15.71 -17.84 8.35
N LEU B 284 14.68 -18.16 7.57
CA LEU B 284 13.83 -17.13 6.99
C LEU B 284 13.12 -16.38 8.09
N ALA B 285 12.68 -17.10 9.12
CA ALA B 285 11.95 -16.50 10.24
C ALA B 285 12.88 -15.63 11.09
N LEU B 286 14.10 -16.07 11.30
CA LEU B 286 15.02 -15.27 12.11
C LEU B 286 15.36 -13.99 11.37
N CYS B 287 15.48 -14.10 10.05
CA CYS B 287 15.80 -12.95 9.21
C CYS B 287 14.69 -11.91 9.18
N LEU B 288 13.44 -12.35 9.05
CA LEU B 288 12.31 -11.43 9.07
C LEU B 288 12.16 -10.77 10.44
N LYS B 289 12.36 -11.55 11.49
CA LYS B 289 12.34 -11.02 12.83
C LYS B 289 13.40 -9.93 13.00
N ALA B 290 14.59 -10.16 12.44
CA ALA B 290 15.70 -9.19 12.49
C ALA B 290 15.42 -7.90 11.72
N LEU B 291 14.72 -8.02 10.59
CA LEU B 291 14.43 -6.85 9.75
C LEU B 291 13.23 -6.07 10.29
N LEU B 292 12.20 -6.77 10.77
CA LEU B 292 10.95 -6.12 11.18
C LEU B 292 11.10 -5.50 12.57
N CYS B 293 12.02 -4.56 12.67
CA CYS B 293 12.36 -3.95 13.96
C CYS B 293 12.27 -2.42 13.84
N GLU B 294 12.46 -1.75 14.97
CA GLU B 294 12.41 -0.30 15.01
C GLU B 294 13.32 0.39 14.00
N HIS B 295 14.53 -0.10 13.80
CA HIS B 295 15.46 0.52 12.84
C HIS B 295 14.82 0.64 11.46
N LEU B 296 14.24 -0.44 10.95
CA LEU B 296 13.55 -0.37 9.66
C LEU B 296 12.41 0.62 9.68
N PHE B 297 11.58 0.53 10.72
CA PHE B 297 10.38 1.37 10.76
C PHE B 297 10.71 2.84 10.91
N THR B 298 11.79 3.20 11.60
CA THR B 298 12.22 4.58 11.63
C THR B 298 13.02 4.99 10.37
N LEU B 299 13.83 4.11 9.81
CA LEU B 299 14.49 4.43 8.53
C LEU B 299 13.52 4.60 7.33
N ASP B 300 12.40 3.88 7.32
CA ASP B 300 11.42 4.01 6.22
C ASP B 300 10.02 3.95 6.78
N PRO B 301 9.49 5.10 7.20
CA PRO B 301 8.18 5.20 7.79
C PRO B 301 7.02 4.88 6.82
N THR B 302 7.29 4.71 5.52
CA THR B 302 6.24 4.25 4.61
C THR B 302 5.92 2.75 4.81
N VAL B 303 6.76 2.03 5.58
CA VAL B 303 6.51 0.62 5.88
C VAL B 303 5.66 0.53 7.14
N PRO B 304 4.46 -0.06 7.05
CA PRO B 304 3.63 -0.16 8.24
C PRO B 304 4.35 -0.96 9.29
N PRO B 305 4.45 -0.43 10.50
CA PRO B 305 5.33 -1.02 11.52
C PRO B 305 4.74 -2.29 12.16
N LEU B 306 4.74 -3.38 11.40
CA LEU B 306 4.20 -4.65 11.87
C LEU B 306 5.32 -5.52 12.44
N PRO B 307 5.48 -5.55 13.77
CA PRO B 307 6.53 -6.45 14.31
C PRO B 307 6.30 -7.91 13.93
N PHE B 308 7.34 -8.72 13.91
CA PHE B 308 7.23 -10.14 13.62
C PHE B 308 6.50 -10.83 14.75
N ARG B 309 5.35 -11.43 14.44
CA ARG B 309 4.55 -12.12 15.45
C ARG B 309 5.03 -13.57 15.61
N GLU B 310 6.08 -13.72 16.40
CA GLU B 310 6.69 -15.02 16.68
C GLU B 310 5.69 -16.09 17.12
N GLU B 311 4.69 -15.75 17.95
CA GLU B 311 3.75 -16.77 18.43
C GLU B 311 2.87 -17.36 17.32
N VAL B 312 2.57 -16.58 16.28
CA VAL B 312 1.84 -17.11 15.14
C VAL B 312 2.76 -18.08 14.39
N TYR B 313 4.03 -17.73 14.28
CA TYR B 313 5.01 -18.59 13.59
C TYR B 313 5.20 -19.93 14.32
N ARG B 314 5.29 -19.87 15.66
CA ARG B 314 5.50 -21.05 16.46
C ARG B 314 4.20 -21.78 16.84
N SER B 315 3.06 -21.38 16.31
CA SER B 315 1.81 -22.08 16.63
C SER B 315 1.81 -23.55 16.16
N SER B 316 1.23 -24.44 16.96
CA SER B 316 1.04 -25.85 16.62
C SER B 316 -0.43 -26.19 16.29
N ARG B 317 -1.31 -25.20 16.28
CA ARG B 317 -2.73 -25.47 15.97
C ARG B 317 -2.87 -26.11 14.60
N PRO B 318 -3.82 -27.07 14.47
CA PRO B 318 -4.11 -27.63 13.15
C PRO B 318 -4.60 -26.54 12.20
N LEU B 319 -4.47 -26.78 10.90
CA LEU B 319 -4.63 -25.79 9.86
C LEU B 319 -5.67 -26.28 8.87
N ARG B 320 -6.44 -25.36 8.34
CA ARG B 320 -7.25 -25.65 7.17
C ARG B 320 -6.43 -25.24 5.96
N VAL B 321 -6.05 -26.24 5.16
CA VAL B 321 -5.08 -26.07 4.09
C VAL B 321 -5.81 -26.29 2.80
N GLY B 322 -6.05 -25.22 2.05
CA GLY B 322 -6.50 -25.34 0.68
C GLY B 322 -5.38 -25.92 -0.16
N TYR B 323 -5.73 -26.66 -1.20
CA TYR B 323 -4.71 -27.19 -2.11
C TYR B 323 -5.21 -27.33 -3.55
N TYR B 324 -4.26 -27.22 -4.49
CA TYR B 324 -4.46 -27.73 -5.83
C TYR B 324 -3.21 -28.45 -6.35
N GLU B 325 -3.40 -29.35 -7.30
CA GLU B 325 -2.32 -30.11 -7.90
C GLU B 325 -1.92 -29.58 -9.25
N THR B 326 -2.79 -28.79 -9.85
CA THR B 326 -2.48 -28.10 -11.09
C THR B 326 -3.30 -26.81 -11.11
N ASP B 327 -2.80 -25.80 -11.83
CA ASP B 327 -3.53 -24.55 -12.02
C ASP B 327 -4.25 -24.56 -13.34
N ASN B 328 -4.21 -25.69 -14.03
CA ASN B 328 -4.78 -25.85 -15.35
C ASN B 328 -4.24 -24.87 -16.37
N TYR B 329 -3.05 -24.35 -16.11
CA TYR B 329 -2.40 -23.42 -17.03
C TYR B 329 -1.08 -24.00 -17.46
N THR B 330 -0.18 -24.21 -16.49
CA THR B 330 1.05 -24.96 -16.69
C THR B 330 0.84 -26.37 -16.15
N MET B 331 0.94 -27.37 -17.02
CA MET B 331 0.87 -28.75 -16.58
C MET B 331 2.08 -29.05 -15.71
N PRO B 332 1.84 -29.51 -14.48
CA PRO B 332 2.97 -29.85 -13.64
C PRO B 332 3.75 -31.04 -14.18
N SER B 333 5.02 -31.12 -13.82
CA SER B 333 5.84 -32.26 -14.11
C SER B 333 5.40 -33.38 -13.20
N PRO B 334 5.72 -34.63 -13.56
CA PRO B 334 5.44 -35.72 -12.63
C PRO B 334 6.06 -35.47 -11.25
N ALA B 335 7.29 -34.96 -11.19
CA ALA B 335 7.92 -34.71 -9.90
C ALA B 335 7.16 -33.66 -9.08
N MET B 336 6.69 -32.61 -9.74
CA MET B 336 5.95 -31.54 -9.09
C MET B 336 4.70 -32.08 -8.43
N ARG B 337 3.97 -32.85 -9.20
CA ARG B 337 2.71 -33.42 -8.84
C ARG B 337 2.82 -34.41 -7.69
N ARG B 338 3.83 -35.29 -7.78
CA ARG B 338 4.14 -36.19 -6.68
C ARG B 338 4.54 -35.44 -5.40
N ALA B 339 5.32 -34.37 -5.55
CA ALA B 339 5.70 -33.52 -4.41
C ALA B 339 4.44 -32.99 -3.68
N LEU B 340 3.50 -32.52 -4.47
CA LEU B 340 2.27 -31.92 -3.96
C LEU B 340 1.45 -32.97 -3.21
N ILE B 341 1.17 -34.09 -3.88
CA ILE B 341 0.34 -35.16 -3.33
C ILE B 341 0.93 -35.74 -2.06
N GLU B 342 2.22 -36.00 -2.05
CA GLU B 342 2.89 -36.53 -0.87
C GLU B 342 2.83 -35.59 0.34
N THR B 343 3.03 -34.32 0.09
CA THR B 343 2.94 -33.27 1.12
C THR B 343 1.52 -33.18 1.64
N LYS B 344 0.56 -33.18 0.71
CA LYS B 344 -0.84 -33.19 1.05
C LYS B 344 -1.15 -34.34 1.99
N GLN B 345 -0.72 -35.55 1.63
CA GLN B 345 -0.97 -36.73 2.43
C GLN B 345 -0.31 -36.68 3.81
N ARG B 346 0.95 -36.26 3.89
CA ARG B 346 1.61 -36.11 5.20
C ARG B 346 0.94 -35.05 6.10
N LEU B 347 0.43 -33.98 5.51
CA LEU B 347 -0.28 -32.97 6.28
C LEU B 347 -1.59 -33.53 6.84
N GLU B 348 -2.28 -34.35 6.05
CA GLU B 348 -3.51 -35.01 6.49
C GLU B 348 -3.23 -35.98 7.62
N ALA B 349 -2.14 -36.77 7.50
CA ALA B 349 -1.76 -37.73 8.56
C ALA B 349 -1.38 -36.96 9.83
N ALA B 350 -0.84 -35.74 9.67
CA ALA B 350 -0.48 -34.90 10.80
C ALA B 350 -1.71 -34.18 11.43
N GLY B 351 -2.90 -34.42 10.89
CA GLY B 351 -4.13 -33.91 11.51
C GLY B 351 -4.64 -32.56 10.98
N HIS B 352 -4.08 -32.09 9.87
CA HIS B 352 -4.56 -30.87 9.20
C HIS B 352 -5.68 -31.21 8.22
N THR B 353 -6.58 -30.26 7.96
CA THR B 353 -7.69 -30.47 7.05
C THR B 353 -7.34 -29.95 5.66
N LEU B 354 -7.37 -30.82 4.66
CA LEU B 354 -6.96 -30.47 3.31
C LEU B 354 -8.19 -30.32 2.45
N ILE B 355 -8.33 -29.15 1.81
CA ILE B 355 -9.57 -28.78 1.14
C ILE B 355 -9.23 -28.33 -0.27
N PRO B 356 -9.87 -28.92 -1.29
CA PRO B 356 -9.61 -28.49 -2.65
C PRO B 356 -10.00 -27.05 -2.85
N PHE B 357 -9.13 -26.30 -3.53
CA PHE B 357 -9.32 -24.90 -3.71
C PHE B 357 -8.52 -24.44 -4.91
N LEU B 358 -9.14 -23.64 -5.78
CA LEU B 358 -8.49 -23.05 -6.92
C LEU B 358 -8.90 -21.58 -7.10
N PRO B 359 -7.96 -20.64 -6.96
CA PRO B 359 -8.33 -19.26 -7.25
C PRO B 359 -9.11 -19.11 -8.57
N ASN B 360 -10.17 -18.31 -8.55
CA ASN B 360 -10.98 -18.11 -9.75
C ASN B 360 -10.17 -17.39 -10.85
N ASN B 361 -10.54 -17.63 -12.10
CA ASN B 361 -10.06 -16.88 -13.25
C ASN B 361 -8.53 -16.71 -13.35
N ILE B 362 -7.79 -17.78 -13.18
CA ILE B 362 -6.35 -17.74 -13.31
C ILE B 362 -5.88 -17.22 -14.67
N PRO B 363 -6.46 -17.67 -15.77
CA PRO B 363 -6.06 -17.15 -17.08
C PRO B 363 -6.18 -15.62 -17.22
N TYR B 364 -7.29 -15.07 -16.74
CA TYR B 364 -7.49 -13.62 -16.71
C TYR B 364 -6.43 -12.95 -15.83
N ALA B 365 -6.17 -13.49 -14.65
CA ALA B 365 -5.21 -12.89 -13.72
C ALA B 365 -3.76 -12.83 -14.30
N LEU B 366 -3.40 -13.85 -15.07
CA LEU B 366 -2.07 -13.93 -15.66
C LEU B 366 -2.02 -13.15 -16.99
N GLU B 367 -3.01 -13.33 -17.87
CA GLU B 367 -2.91 -12.83 -19.22
C GLU B 367 -3.28 -11.35 -19.31
N VAL B 368 -4.29 -10.95 -18.54
CA VAL B 368 -4.81 -9.59 -18.60
C VAL B 368 -4.15 -8.73 -17.52
N LEU B 369 -4.12 -9.20 -16.27
CA LEU B 369 -3.78 -8.35 -15.13
C LEU B 369 -2.28 -8.31 -14.88
N SER B 370 -1.64 -9.47 -14.80
CA SER B 370 -0.19 -9.52 -14.65
C SER B 370 0.55 -8.98 -15.86
N THR B 371 0.20 -9.44 -17.05
CA THR B 371 0.89 -8.98 -18.25
C THR B 371 0.67 -7.51 -18.45
N GLY B 372 -0.59 -7.09 -18.38
CA GLY B 372 -0.91 -5.66 -18.54
C GLY B 372 -0.26 -4.81 -17.47
N GLY B 373 -0.17 -5.37 -16.25
CA GLY B 373 0.42 -4.64 -15.14
C GLY B 373 1.90 -4.42 -15.39
N LEU B 374 2.59 -5.42 -15.91
CA LEU B 374 4.05 -5.30 -16.07
C LEU B 374 4.41 -4.51 -17.34
N PHE B 375 3.50 -4.51 -18.32
CA PHE B 375 3.75 -3.92 -19.62
C PHE B 375 2.74 -2.84 -19.99
N SER B 376 2.24 -2.10 -18.99
CA SER B 376 1.19 -1.09 -19.23
C SER B 376 1.60 -0.08 -20.30
N ASP B 377 2.90 0.24 -20.36
CA ASP B 377 3.44 1.15 -21.37
C ASP B 377 4.06 0.45 -22.61
N GLY B 378 3.64 -0.76 -22.93
CA GLY B 378 4.22 -1.47 -24.07
C GLY B 378 5.65 -1.95 -23.91
N GLY B 379 6.23 -1.71 -22.74
CA GLY B 379 7.60 -2.09 -22.46
C GLY B 379 8.61 -1.01 -22.78
N ARG B 380 8.13 0.17 -23.19
CA ARG B 380 9.03 1.25 -23.58
C ARG B 380 10.04 1.64 -22.50
N SER B 381 9.60 1.83 -21.27
CA SER B 381 10.49 2.25 -20.19
C SER B 381 11.56 1.18 -19.96
N PHE B 382 11.10 -0.06 -19.98
CA PHE B 382 11.96 -1.23 -19.80
C PHE B 382 13.01 -1.24 -20.90
N LEU B 383 12.56 -1.06 -22.13
CA LEU B 383 13.43 -1.10 -23.31
C LEU B 383 14.52 -0.05 -23.36
N GLN B 384 14.34 1.10 -22.70
CA GLN B 384 15.37 2.16 -22.71
C GLN B 384 16.66 1.66 -22.04
N ASN B 385 16.56 0.71 -21.12
CA ASN B 385 17.73 0.10 -20.48
C ASN B 385 18.62 -0.70 -21.44
N PHE B 386 18.07 -1.12 -22.57
CA PHE B 386 18.80 -1.93 -23.56
C PHE B 386 19.37 -1.17 -24.76
N LYS B 387 19.16 0.14 -24.84
CA LYS B 387 19.67 0.87 -25.98
C LYS B 387 21.18 0.78 -26.02
N GLY B 388 21.69 0.27 -27.14
CA GLY B 388 23.12 0.15 -27.37
C GLY B 388 23.81 -1.00 -26.64
N ASP B 389 23.02 -1.91 -26.08
CA ASP B 389 23.56 -3.05 -25.31
C ASP B 389 23.31 -4.36 -26.04
N PHE B 390 24.10 -5.39 -25.73
CA PHE B 390 23.79 -6.76 -26.15
C PHE B 390 22.55 -7.24 -25.41
N VAL B 391 21.83 -8.17 -26.03
CA VAL B 391 20.68 -8.82 -25.43
C VAL B 391 21.11 -10.25 -25.11
N ASP B 392 21.20 -10.60 -23.83
CA ASP B 392 21.66 -11.92 -23.42
C ASP B 392 20.74 -12.98 -24.03
N PRO B 393 21.30 -14.06 -24.57
CA PRO B 393 20.43 -15.12 -25.13
C PRO B 393 19.38 -15.66 -24.14
N CYS B 394 19.68 -15.62 -22.84
CA CYS B 394 18.76 -16.11 -21.82
C CYS B 394 17.43 -15.35 -21.73
N LEU B 395 17.36 -14.17 -22.33
CA LEU B 395 16.11 -13.41 -22.40
C LEU B 395 15.25 -13.86 -23.57
N GLY B 396 15.76 -14.78 -24.39
CA GLY B 396 14.99 -15.32 -25.52
C GLY B 396 14.61 -14.22 -26.50
N ASP B 397 13.35 -14.24 -26.92
CA ASP B 397 12.85 -13.26 -27.88
C ASP B 397 12.08 -12.08 -27.22
N LEU B 398 12.09 -11.97 -25.90
CA LEU B 398 11.30 -10.91 -25.24
C LEU B 398 11.61 -9.50 -25.75
N ILE B 399 12.89 -9.14 -25.80
CA ILE B 399 13.28 -7.79 -26.23
C ILE B 399 12.93 -7.54 -27.68
N LEU B 400 13.12 -8.55 -28.51
CA LEU B 400 12.70 -8.48 -29.90
C LEU B 400 11.19 -8.31 -30.04
N ILE B 401 10.40 -9.07 -29.27
CA ILE B 401 8.92 -8.95 -29.31
C ILE B 401 8.39 -7.59 -28.81
N LEU B 402 8.97 -7.05 -27.73
CA LEU B 402 8.55 -5.74 -27.20
C LEU B 402 8.84 -4.60 -28.19
N ARG B 403 9.88 -4.76 -29.01
CA ARG B 403 10.31 -3.76 -29.99
C ARG B 403 9.41 -3.70 -31.23
N LEU B 404 8.49 -4.65 -31.38
CA LEU B 404 7.57 -4.63 -32.52
C LEU B 404 6.51 -3.54 -32.28
N PRO B 405 6.02 -2.90 -33.37
CA PRO B 405 5.07 -1.79 -33.22
C PRO B 405 3.67 -2.23 -32.80
N SER B 406 2.98 -1.39 -32.03
CA SER B 406 1.69 -1.76 -31.42
C SER B 406 0.69 -2.36 -32.41
N TRP B 407 0.65 -1.85 -33.64
CA TRP B 407 -0.25 -2.38 -34.66
C TRP B 407 0.10 -3.81 -35.07
N PHE B 408 1.39 -4.10 -35.27
CA PHE B 408 1.84 -5.43 -35.69
C PHE B 408 1.70 -6.50 -34.58
N LYS B 409 1.81 -6.09 -33.31
CA LYS B 409 1.47 -6.95 -32.18
C LYS B 409 -0.03 -7.26 -32.25
N ARG B 410 -0.85 -6.21 -32.30
CA ARG B 410 -2.30 -6.32 -32.46
C ARG B 410 -2.70 -7.23 -33.64
N LEU B 411 -2.00 -7.13 -34.76
CA LEU B 411 -2.30 -7.97 -35.93
C LEU B 411 -1.99 -9.44 -35.65
N LEU B 412 -0.77 -9.69 -35.19
CA LEU B 412 -0.30 -11.05 -34.90
C LEU B 412 -1.22 -11.74 -33.87
N SER B 413 -1.70 -10.96 -32.91
CA SER B 413 -2.63 -11.47 -31.89
C SER B 413 -3.94 -11.96 -32.50
N LEU B 414 -4.58 -11.13 -33.34
CA LEU B 414 -5.81 -11.53 -34.03
C LEU B 414 -5.58 -12.76 -34.93
N LEU B 415 -4.43 -12.82 -35.57
CA LEU B 415 -4.06 -13.97 -36.40
C LEU B 415 -3.80 -15.25 -35.58
N LEU B 416 -3.15 -15.12 -34.43
CA LEU B 416 -2.75 -16.28 -33.63
C LEU B 416 -3.85 -16.80 -32.70
N LYS B 417 -4.85 -15.99 -32.40
CA LYS B 417 -5.88 -16.36 -31.42
C LYS B 417 -6.56 -17.73 -31.64
N PRO B 418 -6.98 -18.04 -32.89
CA PRO B 418 -7.61 -19.33 -33.13
C PRO B 418 -6.66 -20.54 -33.00
N LEU B 419 -5.35 -20.31 -33.17
CA LEU B 419 -4.37 -21.40 -33.11
C LEU B 419 -3.76 -21.52 -31.72
N PHE B 420 -3.11 -20.45 -31.27
CA PHE B 420 -2.41 -20.43 -30.00
C PHE B 420 -2.92 -19.29 -29.11
N PRO B 421 -4.04 -19.51 -28.41
CA PRO B 421 -4.64 -18.42 -27.65
C PRO B 421 -3.75 -17.80 -26.56
N ARG B 422 -2.87 -18.55 -25.89
CA ARG B 422 -1.97 -17.92 -24.89
C ARG B 422 -1.05 -16.92 -25.53
N LEU B 423 -0.46 -17.32 -26.64
CA LEU B 423 0.50 -16.45 -27.33
C LEU B 423 -0.20 -15.16 -27.83
N ALA B 424 -1.40 -15.30 -28.39
CA ALA B 424 -2.18 -14.13 -28.83
C ALA B 424 -2.52 -13.20 -27.67
N ALA B 425 -2.85 -13.78 -26.53
CA ALA B 425 -3.24 -12.99 -25.36
C ALA B 425 -2.04 -12.22 -24.79
N PHE B 426 -0.86 -12.83 -24.78
CA PHE B 426 0.40 -12.25 -24.34
C PHE B 426 0.79 -10.96 -25.15
N LEU B 427 0.70 -11.13 -26.48
CA LEU B 427 0.97 -10.01 -27.39
C LEU B 427 -0.03 -8.87 -27.21
N ASN B 428 -1.31 -9.23 -27.10
CA ASN B 428 -2.37 -8.24 -27.01
C ASN B 428 -2.30 -7.39 -25.75
N ASN B 429 -1.90 -8.01 -24.66
CA ASN B 429 -1.93 -7.39 -23.35
C ASN B 429 -0.62 -6.69 -22.97
N MET B 430 0.38 -6.80 -23.84
CA MET B 430 1.63 -6.05 -23.67
C MET B 430 1.66 -4.77 -24.49
N ARG B 431 0.49 -4.29 -24.93
CA ARG B 431 0.40 -3.05 -25.69
C ARG B 431 0.37 -1.83 -24.76
N PRO B 432 0.91 -0.69 -25.23
CA PRO B 432 0.86 0.55 -24.46
C PRO B 432 -0.58 1.05 -24.36
N ARG B 433 -0.86 1.80 -23.30
CA ARG B 433 -2.22 2.29 -23.10
C ARG B 433 -2.22 3.60 -22.31
N SER B 434 -3.38 4.24 -22.26
CA SER B 434 -3.53 5.53 -21.59
C SER B 434 -3.52 5.39 -20.06
N ALA B 435 -3.40 6.51 -19.35
CA ALA B 435 -3.53 6.49 -17.90
C ALA B 435 -4.96 6.07 -17.51
N GLU B 436 -5.93 6.44 -18.33
CA GLU B 436 -7.31 6.00 -18.13
C GLU B 436 -7.46 4.49 -18.09
N LYS B 437 -6.75 3.79 -18.97
CA LYS B 437 -6.82 2.33 -19.04
C LYS B 437 -6.04 1.71 -17.89
N LEU B 438 -4.96 2.37 -17.48
CA LEU B 438 -4.18 1.84 -16.37
C LEU B 438 -5.02 1.90 -15.09
N TRP B 439 -5.69 3.02 -14.84
CA TRP B 439 -6.66 3.10 -13.74
C TRP B 439 -7.66 1.94 -13.77
N LYS B 440 -8.32 1.74 -14.91
CA LYS B 440 -9.24 0.61 -15.06
C LYS B 440 -8.61 -0.75 -14.69
N LEU B 441 -7.38 -0.99 -15.12
CA LEU B 441 -6.68 -2.22 -14.85
C LEU B 441 -6.33 -2.32 -13.37
N GLN B 442 -5.88 -1.22 -12.75
CA GLN B 442 -5.56 -1.19 -11.33
CA GLN B 442 -5.56 -1.23 -11.32
C GLN B 442 -6.82 -1.53 -10.52
N HIS B 443 -7.97 -1.01 -10.97
CA HIS B 443 -9.22 -1.36 -10.31
C HIS B 443 -9.49 -2.84 -10.44
N GLU B 444 -9.25 -3.39 -11.62
CA GLU B 444 -9.46 -4.83 -11.85
C GLU B 444 -8.57 -5.71 -10.95
N ILE B 445 -7.32 -5.30 -10.75
CA ILE B 445 -6.42 -5.97 -9.82
C ILE B 445 -6.96 -5.90 -8.39
N GLU B 446 -7.40 -4.71 -7.96
CA GLU B 446 -8.07 -4.54 -6.67
C GLU B 446 -9.26 -5.53 -6.49
N MET B 447 -10.17 -5.56 -7.46
CA MET B 447 -11.34 -6.43 -7.35
CA MET B 447 -11.36 -6.43 -7.42
C MET B 447 -10.98 -7.91 -7.42
N TYR B 448 -9.97 -8.26 -8.22
CA TYR B 448 -9.55 -9.63 -8.35
C TYR B 448 -9.02 -10.16 -7.02
N ARG B 449 -8.18 -9.35 -6.38
CA ARG B 449 -7.64 -9.65 -5.08
C ARG B 449 -8.76 -9.90 -4.05
N GLN B 450 -9.75 -9.02 -4.02
CA GLN B 450 -10.88 -9.22 -3.10
C GLN B 450 -11.69 -10.49 -3.47
N SER B 451 -11.78 -10.81 -4.77
CA SER B 451 -12.56 -11.99 -5.18
C SER B 451 -11.92 -13.29 -4.68
N VAL B 452 -10.59 -13.36 -4.68
CA VAL B 452 -9.89 -14.56 -4.18
C VAL B 452 -9.90 -14.57 -2.67
N ILE B 453 -9.84 -13.42 -2.03
CA ILE B 453 -9.97 -13.34 -0.57
C ILE B 453 -11.36 -13.82 -0.14
N ALA B 454 -12.40 -13.42 -0.88
CA ALA B 454 -13.78 -13.90 -0.59
C ALA B 454 -13.93 -15.43 -0.79
N GLN B 455 -13.27 -15.99 -1.78
CA GLN B 455 -13.24 -17.44 -1.99
C GLN B 455 -12.61 -18.14 -0.78
N TRP B 456 -11.46 -17.62 -0.41
CA TRP B 456 -10.67 -18.15 0.69
C TRP B 456 -11.47 -18.13 1.99
N LYS B 457 -12.10 -16.99 2.27
CA LYS B 457 -12.91 -16.83 3.46
C LYS B 457 -14.11 -17.77 3.46
N ALA B 458 -14.79 -17.85 2.33
CA ALA B 458 -15.99 -18.71 2.24
C ALA B 458 -15.66 -20.19 2.54
N MET B 459 -14.42 -20.58 2.31
CA MET B 459 -13.99 -21.95 2.52
C MET B 459 -13.23 -22.06 3.84
N ASN B 460 -13.09 -20.92 4.52
CA ASN B 460 -12.45 -20.77 5.82
C ASN B 460 -11.02 -21.32 5.90
N LEU B 461 -10.21 -21.01 4.91
CA LEU B 461 -8.82 -21.45 4.87
C LEU B 461 -7.92 -20.65 5.79
N ASP B 462 -6.89 -21.31 6.33
CA ASP B 462 -5.81 -20.65 7.04
C ASP B 462 -4.67 -20.36 6.05
N VAL B 463 -4.35 -21.32 5.18
CA VAL B 463 -3.20 -21.27 4.28
C VAL B 463 -3.49 -22.08 3.02
N LEU B 464 -2.60 -21.99 2.03
CA LEU B 464 -2.85 -22.65 0.74
C LEU B 464 -1.57 -23.30 0.20
N LEU B 465 -1.72 -24.56 -0.23
CA LEU B 465 -0.62 -25.40 -0.72
C LEU B 465 -0.75 -25.55 -2.22
N THR B 466 0.30 -25.24 -2.96
CA THR B 466 0.25 -25.37 -4.42
C THR B 466 1.54 -25.98 -4.96
N PRO B 467 1.49 -26.42 -6.23
CA PRO B 467 2.72 -26.84 -6.84
C PRO B 467 3.64 -25.65 -7.03
N MET B 468 4.92 -25.96 -7.15
CA MET B 468 5.93 -24.98 -7.45
C MET B 468 6.70 -25.50 -8.66
N LEU B 469 7.03 -24.62 -9.61
CA LEU B 469 7.71 -25.06 -10.82
C LEU B 469 9.04 -25.71 -10.48
N GLY B 470 9.23 -26.89 -11.07
CA GLY B 470 10.44 -27.68 -10.91
C GLY B 470 10.28 -28.96 -11.71
N PRO B 471 11.36 -29.71 -11.89
CA PRO B 471 12.71 -29.39 -11.47
C PRO B 471 13.33 -28.27 -12.33
N ALA B 472 14.56 -27.89 -12.04
CA ALA B 472 15.24 -26.84 -12.79
C ALA B 472 15.19 -27.11 -14.30
N LEU B 473 14.90 -26.07 -15.06
CA LEU B 473 14.93 -26.07 -16.52
C LEU B 473 16.37 -25.98 -17.04
N ASP B 474 16.61 -26.42 -18.26
CA ASP B 474 17.93 -26.30 -18.91
C ASP B 474 18.30 -24.82 -19.11
N LEU B 475 19.60 -24.54 -19.09
CA LEU B 475 20.11 -23.20 -19.31
C LEU B 475 19.50 -22.64 -20.58
N ASN B 476 19.12 -21.36 -20.55
CA ASN B 476 18.60 -20.60 -21.71
C ASN B 476 17.19 -20.99 -22.17
N THR B 477 16.50 -21.84 -21.43
CA THR B 477 15.09 -22.14 -21.76
C THR B 477 14.02 -21.38 -20.97
N PRO B 478 14.32 -20.94 -19.73
CA PRO B 478 13.28 -20.16 -19.03
C PRO B 478 12.73 -18.99 -19.85
N GLY B 479 13.56 -18.30 -20.61
CA GLY B 479 13.12 -17.14 -21.38
C GLY B 479 12.28 -17.50 -22.60
N ARG B 480 12.25 -18.80 -22.93
CA ARG B 480 11.40 -19.31 -24.00
C ARG B 480 10.19 -20.08 -23.47
N ALA B 481 10.07 -20.17 -22.15
CA ALA B 481 9.00 -20.92 -21.50
C ALA B 481 8.20 -20.01 -20.56
N THR B 482 7.72 -18.88 -21.09
CA THR B 482 7.12 -17.82 -20.27
C THR B 482 5.86 -18.25 -19.53
N GLY B 483 5.07 -19.13 -20.12
CA GLY B 483 3.87 -19.59 -19.46
C GLY B 483 4.07 -20.23 -18.09
N ALA B 484 5.23 -20.86 -17.90
CA ALA B 484 5.52 -21.60 -16.65
C ALA B 484 5.68 -20.69 -15.42
N VAL B 485 5.62 -19.37 -15.62
CA VAL B 485 5.64 -18.44 -14.48
C VAL B 485 4.29 -18.50 -13.75
N SER B 486 3.30 -19.18 -14.33
CA SER B 486 1.93 -19.21 -13.78
C SER B 486 1.83 -19.51 -12.29
N TYR B 487 2.50 -20.55 -11.80
CA TYR B 487 2.30 -20.94 -10.40
C TYR B 487 2.71 -19.85 -9.42
N THR B 488 3.73 -19.09 -9.77
CA THR B 488 4.29 -18.07 -8.88
C THR B 488 3.67 -16.68 -9.10
N MET B 489 3.47 -16.31 -10.36
CA MET B 489 3.06 -14.97 -10.75
C MET B 489 1.66 -14.66 -10.20
N LEU B 490 0.84 -15.69 -10.10
CA LEU B 490 -0.48 -15.50 -9.56
C LEU B 490 -0.43 -14.77 -8.22
N TYR B 491 0.52 -15.11 -7.35
CA TYR B 491 0.59 -14.50 -6.00
C TYR B 491 1.34 -13.18 -5.93
N ASN B 492 2.05 -12.82 -6.98
CA ASN B 492 2.49 -11.44 -7.19
C ASN B 492 1.30 -10.56 -7.55
N CYS B 493 0.52 -11.01 -8.52
CA CYS B 493 -0.69 -10.30 -8.91
C CYS B 493 -1.64 -10.01 -7.71
N LEU B 494 -1.78 -11.02 -6.85
CA LEU B 494 -2.66 -11.01 -5.69
C LEU B 494 -1.98 -10.32 -4.52
N ASP B 495 -0.67 -10.11 -4.61
CA ASP B 495 0.11 -9.63 -3.47
C ASP B 495 -0.18 -10.42 -2.17
N PHE B 496 0.05 -11.71 -2.19
CA PHE B 496 -0.10 -12.59 -1.01
C PHE B 496 1.28 -13.12 -0.72
N PRO B 497 1.65 -13.25 0.56
CA PRO B 497 2.90 -13.89 0.89
C PRO B 497 2.93 -15.32 0.39
N ALA B 498 4.06 -15.76 -0.15
CA ALA B 498 4.22 -17.08 -0.77
C ALA B 498 5.67 -17.49 -0.65
N GLY B 499 5.91 -18.69 -0.14
CA GLY B 499 7.28 -19.21 -0.03
C GLY B 499 7.38 -20.64 -0.50
N VAL B 500 8.60 -21.10 -0.73
CA VAL B 500 8.80 -22.46 -1.24
C VAL B 500 9.69 -23.26 -0.28
N VAL B 501 9.44 -24.56 -0.20
CA VAL B 501 10.22 -25.49 0.60
C VAL B 501 10.57 -26.72 -0.24
N PRO B 502 11.85 -27.10 -0.32
CA PRO B 502 12.17 -28.38 -0.97
C PRO B 502 11.58 -29.54 -0.19
N VAL B 503 10.94 -30.47 -0.88
CA VAL B 503 10.34 -31.63 -0.22
C VAL B 503 10.78 -32.96 -0.78
N THR B 504 11.37 -32.97 -1.97
CA THR B 504 11.77 -34.22 -2.60
C THR B 504 12.80 -33.99 -3.71
N THR B 505 13.26 -35.07 -4.34
CA THR B 505 14.13 -34.96 -5.52
C THR B 505 13.55 -35.82 -6.65
N VAL B 506 13.81 -35.43 -7.89
CA VAL B 506 13.33 -36.13 -9.03
C VAL B 506 13.94 -37.55 -9.08
N THR B 507 13.08 -38.56 -9.20
CA THR B 507 13.53 -39.93 -9.40
C THR B 507 13.56 -40.24 -10.90
N ALA B 508 14.19 -41.34 -11.23
CA ALA B 508 14.23 -41.79 -12.61
C ALA B 508 12.81 -42.08 -13.10
N GLU B 509 11.98 -42.63 -12.22
CA GLU B 509 10.58 -42.90 -12.52
C GLU B 509 9.86 -41.60 -12.93
N ASP B 510 10.04 -40.53 -12.13
CA ASP B 510 9.45 -39.22 -12.42
C ASP B 510 9.97 -38.69 -13.76
N ASP B 511 11.27 -38.88 -14.00
CA ASP B 511 11.93 -38.32 -15.18
C ASP B 511 11.46 -39.04 -16.45
N ALA B 512 11.41 -40.37 -16.39
CA ALA B 512 10.87 -41.16 -17.50
C ALA B 512 9.45 -40.70 -17.87
N GLN B 513 8.68 -40.22 -16.90
CA GLN B 513 7.28 -39.82 -17.16
C GLN B 513 7.12 -38.50 -17.91
N MET B 514 8.20 -37.71 -17.99
CA MET B 514 8.22 -36.49 -18.84
C MET B 514 7.98 -36.78 -20.31
N GLU B 515 8.23 -38.00 -20.76
CA GLU B 515 7.94 -38.35 -22.13
C GLU B 515 6.44 -38.33 -22.41
N LEU B 516 5.61 -38.37 -21.38
CA LEU B 516 4.16 -38.40 -21.59
C LEU B 516 3.54 -37.00 -21.42
N TYR B 517 4.36 -36.04 -20.99
CA TYR B 517 3.98 -34.65 -20.79
C TYR B 517 3.55 -33.97 -22.09
N LYS B 518 2.33 -33.45 -22.14
CA LYS B 518 1.83 -32.75 -23.36
C LYS B 518 1.61 -31.26 -23.16
N GLY B 519 1.31 -30.85 -21.93
CA GLY B 519 0.88 -29.49 -21.65
C GLY B 519 -0.58 -29.32 -22.02
N TYR B 520 -1.23 -28.28 -21.50
CA TYR B 520 -2.65 -28.09 -21.77
C TYR B 520 -2.93 -27.35 -23.06
N PHE B 521 -1.92 -26.73 -23.65
CA PHE B 521 -2.13 -25.89 -24.83
C PHE B 521 -1.44 -26.40 -26.08
N GLY B 522 -0.28 -27.02 -25.93
CA GLY B 522 0.46 -27.58 -27.07
C GLY B 522 1.22 -26.53 -27.84
N ASP B 523 1.33 -25.32 -27.28
CA ASP B 523 2.02 -24.21 -27.93
C ASP B 523 3.51 -24.25 -27.59
N ILE B 524 4.24 -23.27 -28.12
CA ILE B 524 5.68 -23.28 -28.05
C ILE B 524 6.19 -23.28 -26.60
N TRP B 525 5.46 -22.63 -25.69
CA TRP B 525 5.82 -22.59 -24.28
C TRP B 525 5.74 -23.98 -23.63
N ASP B 526 4.74 -24.78 -24.00
CA ASP B 526 4.63 -26.16 -23.53
C ASP B 526 5.74 -27.04 -24.14
N ILE B 527 6.03 -26.84 -25.41
CA ILE B 527 7.02 -27.66 -26.11
C ILE B 527 8.39 -27.44 -25.48
N ILE B 528 8.75 -26.18 -25.27
CA ILE B 528 10.03 -25.80 -24.64
C ILE B 528 10.13 -26.35 -23.22
N LEU B 529 9.09 -26.16 -22.41
CA LEU B 529 9.08 -26.62 -21.02
C LEU B 529 9.22 -28.13 -20.94
N LYS B 530 8.47 -28.87 -21.75
CA LYS B 530 8.63 -30.33 -21.79
C LYS B 530 10.10 -30.69 -21.95
N LYS B 531 10.76 -30.11 -22.95
CA LYS B 531 12.17 -30.46 -23.18
C LYS B 531 13.06 -29.94 -22.05
N ALA B 532 12.74 -28.77 -21.50
CA ALA B 532 13.62 -28.14 -20.47
C ALA B 532 13.68 -28.91 -19.14
N MET B 533 12.61 -29.63 -18.83
CA MET B 533 12.46 -30.32 -17.54
C MET B 533 12.95 -31.75 -17.56
N LYS B 534 13.32 -32.25 -18.75
CA LYS B 534 13.95 -33.57 -18.87
C LYS B 534 15.36 -33.54 -18.30
N ASN B 535 16.00 -34.72 -18.25
CA ASN B 535 17.34 -34.93 -17.72
C ASN B 535 17.51 -34.26 -16.37
N SER B 536 16.59 -34.52 -15.46
CA SER B 536 16.60 -33.84 -14.18
C SER B 536 16.70 -34.78 -12.97
N VAL B 537 17.09 -36.05 -13.18
CA VAL B 537 17.18 -36.99 -12.07
C VAL B 537 18.14 -36.48 -10.99
N GLY B 538 17.65 -36.45 -9.75
CA GLY B 538 18.44 -36.05 -8.59
C GLY B 538 18.19 -34.62 -8.17
N LEU B 539 17.51 -33.86 -9.03
CA LEU B 539 17.30 -32.44 -8.79
C LEU B 539 16.16 -32.16 -7.81
N PRO B 540 16.31 -31.09 -6.99
CA PRO B 540 15.30 -30.78 -5.97
C PRO B 540 13.97 -30.31 -6.54
N VAL B 541 12.89 -30.67 -5.86
CA VAL B 541 11.55 -30.24 -6.22
C VAL B 541 10.84 -29.75 -4.97
N ALA B 542 10.17 -28.60 -5.09
CA ALA B 542 9.57 -27.89 -3.97
C ALA B 542 8.05 -27.87 -4.07
N VAL B 543 7.41 -27.43 -2.99
CA VAL B 543 6.00 -27.02 -3.01
C VAL B 543 5.95 -25.57 -2.60
N GLN B 544 4.83 -24.90 -2.89
CA GLN B 544 4.62 -23.52 -2.54
C GLN B 544 3.58 -23.37 -1.43
N CYS B 545 3.88 -22.51 -0.44
CA CYS B 545 2.99 -22.24 0.67
C CYS B 545 2.50 -20.80 0.61
N VAL B 546 1.22 -20.57 0.80
CA VAL B 546 0.64 -19.24 0.64
C VAL B 546 -0.28 -18.89 1.80
N ALA B 547 -0.28 -17.63 2.20
CA ALA B 547 -1.22 -17.11 3.18
C ALA B 547 -1.75 -15.76 2.67
N LEU B 548 -2.69 -15.18 3.40
CA LEU B 548 -3.29 -13.91 3.04
C LEU B 548 -2.31 -12.76 3.28
N PRO B 549 -2.63 -11.56 2.76
CA PRO B 549 -1.73 -10.44 2.95
C PRO B 549 -1.41 -10.15 4.40
N TRP B 550 -0.16 -9.76 4.64
CA TRP B 550 0.36 -9.48 5.99
C TRP B 550 0.43 -10.70 6.91
N GLN B 551 0.23 -11.89 6.34
CA GLN B 551 0.30 -13.12 7.11
C GLN B 551 1.60 -13.89 6.85
N GLU B 552 2.73 -13.18 6.89
CA GLU B 552 4.03 -13.80 6.70
C GLU B 552 4.32 -14.86 7.76
N GLU B 553 3.93 -14.58 9.00
CA GLU B 553 4.22 -15.48 10.10
C GLU B 553 3.48 -16.79 9.95
N LEU B 554 2.23 -16.70 9.54
CA LEU B 554 1.41 -17.87 9.31
C LEU B 554 1.96 -18.66 8.12
N CYS B 555 2.27 -17.96 7.04
CA CYS B 555 2.94 -18.61 5.91
C CYS B 555 4.17 -19.42 6.32
N LEU B 556 4.97 -18.86 7.23
CA LEU B 556 6.20 -19.49 7.72
C LEU B 556 5.92 -20.66 8.69
N ARG B 557 4.90 -20.49 9.55
CA ARG B 557 4.38 -21.57 10.36
C ARG B 557 4.06 -22.77 9.49
N PHE B 558 3.38 -22.54 8.37
CA PHE B 558 3.00 -23.59 7.45
C PHE B 558 4.23 -24.17 6.74
N MET B 559 5.13 -23.30 6.32
CA MET B 559 6.37 -23.77 5.71
C MET B 559 7.17 -24.65 6.68
N ARG B 560 7.16 -24.30 7.96
CA ARG B 560 7.91 -25.03 8.97
C ARG B 560 7.29 -26.42 9.14
N GLU B 561 5.97 -26.49 9.00
CA GLU B 561 5.26 -27.76 9.09
C GLU B 561 5.63 -28.65 7.90
N VAL B 562 5.62 -28.08 6.70
CA VAL B 562 5.91 -28.87 5.51
C VAL B 562 7.33 -29.40 5.57
N GLU B 563 8.25 -28.56 6.02
CA GLU B 563 9.62 -28.93 6.18
C GLU B 563 9.79 -30.05 7.19
N GLN B 564 9.13 -29.93 8.31
CA GLN B 564 9.26 -30.93 9.37
C GLN B 564 8.74 -32.29 8.89
N LEU B 565 7.62 -32.27 8.18
CA LEU B 565 6.99 -33.51 7.74
C LEU B 565 7.73 -34.18 6.59
N MET B 566 8.26 -33.39 5.68
CA MET B 566 8.85 -33.93 4.47
C MET B 566 10.37 -34.12 4.57
N THR B 567 11.03 -33.29 5.37
CA THR B 567 12.48 -33.37 5.57
C THR B 567 12.83 -33.16 7.04
N PRO B 568 12.44 -34.12 7.91
CA PRO B 568 12.57 -33.94 9.38
C PRO B 568 13.98 -33.54 9.90
N GLN B 569 15.02 -33.98 9.18
CA GLN B 569 16.43 -33.69 9.50
C GLN B 569 16.81 -32.21 9.36
N LYS B 570 15.95 -31.40 8.73
CA LYS B 570 16.18 -29.94 8.64
C LYS B 570 15.92 -29.18 9.97
N GLN B 571 15.33 -29.86 10.96
CA GLN B 571 14.98 -29.24 12.25
C GLN B 571 15.56 -30.08 13.42
N PRO B 572 15.93 -29.41 14.55
CA PRO B 572 16.73 -30.01 15.66
C PRO B 572 16.62 -31.53 15.83
N OHO C . -12.39 17.23 -1.25
C OHO C . -12.29 16.32 -0.26
O OHO C . -11.32 15.55 -0.15
C1 OHO C . -11.38 17.38 -2.28
C2 OHO C . -11.33 18.82 -2.77
C3 OHO C . -10.27 19.03 -3.85
C4 OHO C . -10.48 18.07 -5.01
C5 OHO C . -10.67 16.61 -4.55
C6 OHO C . -11.74 16.50 -3.47
CL CL D . 0.37 -0.60 2.73
CL CL E . -34.72 14.36 -21.84
N OHO F . 11.27 -13.01 -12.49
C OHO F . 11.30 -12.79 -11.17
O OHO F . 10.34 -12.31 -10.54
C1 OHO F . 10.10 -12.71 -13.29
C2 OHO F . 9.99 -13.68 -14.47
C3 OHO F . 8.76 -13.37 -15.34
C4 OHO F . 8.73 -11.91 -15.82
C5 OHO F . 8.97 -10.93 -14.66
C6 OHO F . 10.21 -11.30 -13.85
#